data_6FVM
#
_entry.id   6FVM
#
_cell.length_a   34.336
_cell.length_b   78.653
_cell.length_c   80.182
_cell.angle_alpha   113.26
_cell.angle_beta   97.82
_cell.angle_gamma   95.97
#
_symmetry.space_group_name_H-M   'P 1'
#
loop_
_entity.id
_entity.type
_entity.pdbx_description
1 polymer 'Beta sliding clamp'
2 polymer 'P7 peptide'
3 non-polymer 'CALCIUM ION'
4 non-polymer 'PENTAETHYLENE GLYCOL'
5 non-polymer GLYCEROL
6 water water
#
loop_
_entity_poly.entity_id
_entity_poly.type
_entity_poly.pdbx_seq_one_letter_code
_entity_poly.pdbx_strand_id
1 'polypeptide(L)'
;SHMKFTVEREHLLKPLQQVSGPLGGRPTLPILGNLLLQVADGTLSLTGTDLEMEMVARVALVQPHEPGATTVPARKFFDI
CRGLPEGAEIAVQLEGERMLVRSGRSRFSLSTLPAADFPNLDDWQSEVEFTLPQATMKRLIEATQFSMAHQDVRYYLNGM
LFETEGEELRTVATDGHRLAVCSMPIGQSLPSHSVIVPRKGVIELMRMLDGGDNPLRVQIGSNNIRAHVGDFIFTSKLVD
GRFPDYRRVLPKNPDKHLEAGCDLLKQAFARAAILSNEKFRGVRLYVSENQLKITANNPEQEEAEEILDVTYSGAEMEIG
FNVSYVLDVLNALKCENVRMMLTDSVSPVQIEDAASQSAAYVVMPMRL
;
A,B
2 'polypeptide(L)' (ACE)Q(ALC)DLF H,I
#
# COMPACT_ATOMS: atom_id res chain seq x y z
N SER A 1 -2.08 26.34 31.17
N SER A 1 -1.23 28.22 29.42
CA SER A 1 -2.14 27.50 30.28
CA SER A 1 -2.14 27.50 30.30
C SER A 1 -3.58 27.98 30.12
C SER A 1 -3.58 27.98 30.15
N HIS A 2 -3.76 29.22 29.68
CA HIS A 2 -5.09 29.76 29.45
C HIS A 2 -5.71 29.29 28.13
N MET A 3 -4.95 28.55 27.31
CA MET A 3 -5.34 28.32 25.93
C MET A 3 -6.73 27.69 25.79
N LYS A 4 -7.56 28.31 24.94
CA LYS A 4 -8.88 27.81 24.58
C LYS A 4 -9.16 28.15 23.13
N PHE A 5 -9.78 27.23 22.43
CA PHE A 5 -10.29 27.54 21.10
C PHE A 5 -11.40 26.56 20.76
N THR A 6 -12.28 26.97 19.85
CA THR A 6 -13.28 26.10 19.25
C THR A 6 -13.20 26.28 17.75
N VAL A 7 -12.90 25.19 17.02
CA VAL A 7 -12.74 25.26 15.58
C VAL A 7 -13.52 24.11 14.96
N GLU A 8 -14.11 24.36 13.79
CA GLU A 8 -14.81 23.33 13.03
C GLU A 8 -13.84 22.28 12.49
N ARG A 9 -14.26 21.02 12.55
CA ARG A 9 -13.39 19.87 12.28
C ARG A 9 -12.60 20.03 10.99
N GLU A 10 -13.28 20.40 9.91
CA GLU A 10 -12.62 20.43 8.61
C GLU A 10 -11.63 21.58 8.48
N HIS A 11 -11.68 22.56 9.37
CA HIS A 11 -10.62 23.57 9.33
C HIS A 11 -9.35 23.07 10.00
N LEU A 12 -9.41 21.96 10.73
CA LEU A 12 -8.26 21.40 11.42
C LEU A 12 -7.59 20.25 10.68
N LEU A 13 -8.34 19.51 9.86
CA LEU A 13 -7.83 18.23 9.35
C LEU A 13 -6.60 18.42 8.46
N LYS A 14 -6.68 19.25 7.43
CA LYS A 14 -5.51 19.41 6.57
C LYS A 14 -4.34 20.05 7.31
N PRO A 15 -4.52 21.09 8.13
CA PRO A 15 -3.39 21.52 8.98
C PRO A 15 -2.78 20.40 9.80
N LEU A 16 -3.60 19.63 10.51
CA LEU A 16 -3.07 18.53 11.32
C LEU A 16 -2.32 17.52 10.47
N GLN A 17 -2.83 17.24 9.26
CA GLN A 17 -2.13 16.26 8.42
C GLN A 17 -0.78 16.79 7.95
N GLN A 18 -0.72 18.07 7.57
CA GLN A 18 0.54 18.65 7.10
C GLN A 18 1.58 18.72 8.21
N VAL A 19 1.20 19.25 9.39
CA VAL A 19 2.22 19.41 10.43
C VAL A 19 2.61 18.07 11.04
N SER A 20 1.84 17.02 10.85
CA SER A 20 2.27 15.71 11.32
C SER A 20 3.25 15.04 10.38
N GLY A 21 3.43 15.55 9.17
CA GLY A 21 4.36 15.01 8.20
C GLY A 21 5.75 14.67 8.72
N PRO A 22 6.41 15.62 9.41
CA PRO A 22 7.78 15.34 9.89
C PRO A 22 7.84 14.26 10.95
N LEU A 23 6.73 13.87 11.54
CA LEU A 23 6.77 12.92 12.64
C LEU A 23 6.84 11.50 12.11
N GLY A 24 7.80 10.74 12.62
CA GLY A 24 8.01 9.36 12.23
C GLY A 24 7.40 8.41 13.23
N GLY A 25 7.91 7.19 13.25
CA GLY A 25 7.51 6.20 14.23
C GLY A 25 8.52 6.16 15.36
N ARG A 26 8.00 6.04 16.58
CA ARG A 26 8.84 5.89 17.77
C ARG A 26 9.79 7.08 17.92
N PRO A 27 9.33 8.19 18.49
CA PRO A 27 10.19 9.36 18.62
C PRO A 27 11.45 9.05 19.43
N THR A 28 12.55 9.71 19.08
CA THR A 28 13.72 9.63 19.94
C THR A 28 13.50 10.40 21.23
N LEU A 29 12.93 11.61 21.14
CA LEU A 29 12.47 12.36 22.30
C LEU A 29 10.96 12.30 22.37
N PRO A 30 10.39 12.17 23.56
CA PRO A 30 8.93 12.08 23.63
C PRO A 30 8.21 13.32 23.08
N ILE A 31 8.75 14.52 23.31
CA ILE A 31 8.02 15.70 22.84
C ILE A 31 7.94 15.75 21.31
N LEU A 32 8.86 15.07 20.61
CA LEU A 32 8.79 15.06 19.15
C LEU A 32 7.58 14.30 18.64
N GLY A 33 6.93 13.48 19.48
CA GLY A 33 5.66 12.90 19.07
C GLY A 33 4.46 13.80 19.31
N ASN A 34 4.71 15.01 19.82
CA ASN A 34 3.63 15.96 20.09
C ASN A 34 3.63 17.08 19.06
N LEU A 35 2.47 17.73 18.93
CA LEU A 35 2.34 18.96 18.17
C LEU A 35 2.23 20.13 19.13
N LEU A 36 2.90 21.22 18.78
CA LEU A 36 2.79 22.45 19.54
C LEU A 36 1.54 23.19 19.09
N LEU A 37 0.65 23.54 20.03
CA LEU A 37 -0.52 24.35 19.72
C LEU A 37 -0.34 25.71 20.37
N GLN A 38 -0.55 26.78 19.62
CA GLN A 38 -0.41 28.14 20.16
C GLN A 38 -1.58 29.01 19.70
N VAL A 39 -2.24 29.67 20.65
CA VAL A 39 -3.26 30.66 20.34
C VAL A 39 -2.67 32.04 20.64
N ALA A 40 -2.69 32.90 19.64
CA ALA A 40 -2.27 34.30 19.80
C ALA A 40 -3.06 35.15 18.83
N ASP A 41 -3.49 36.33 19.27
CA ASP A 41 -4.31 37.17 18.38
C ASP A 41 -5.53 36.33 17.98
N GLY A 42 -5.95 36.36 16.73
CA GLY A 42 -6.98 35.45 16.28
C GLY A 42 -6.45 34.30 15.47
N THR A 43 -5.30 33.74 15.88
CA THR A 43 -4.70 32.65 15.13
C THR A 43 -4.35 31.48 16.04
N LEU A 44 -4.70 30.28 15.59
CA LEU A 44 -4.16 29.04 16.13
C LEU A 44 -3.01 28.58 15.24
N SER A 45 -1.84 28.35 15.85
CA SER A 45 -0.70 27.80 15.14
C SER A 45 -0.43 26.40 15.64
N LEU A 46 -0.16 25.50 14.70
CA LEU A 46 0.12 24.10 14.98
C LEU A 46 1.47 23.80 14.37
N THR A 47 2.34 23.16 15.15
CA THR A 47 3.71 22.90 14.72
C THR A 47 4.11 21.47 15.05
N GLY A 48 4.70 20.79 14.06
CA GLY A 48 5.32 19.50 14.29
C GLY A 48 6.75 19.51 13.76
N THR A 49 7.62 18.76 14.44
CA THR A 49 9.04 18.80 14.11
C THR A 49 9.69 17.44 14.38
N ASP A 50 10.83 17.20 13.73
CA ASP A 50 11.72 16.10 14.04
C ASP A 50 13.14 16.58 14.32
N LEU A 51 13.31 17.85 14.69
CA LEU A 51 14.61 18.48 14.98
C LEU A 51 15.40 18.81 13.72
N GLU A 52 15.19 18.09 12.62
CA GLU A 52 15.81 18.45 11.36
C GLU A 52 14.94 19.41 10.55
N MET A 53 13.62 19.26 10.63
N MET A 53 13.62 19.29 10.68
CA MET A 53 12.69 20.12 9.93
CA MET A 53 12.69 20.14 9.94
C MET A 53 11.48 20.38 10.81
C MET A 53 11.43 20.33 10.77
N GLU A 54 10.67 21.37 10.42
CA GLU A 54 9.44 21.66 11.12
C GLU A 54 8.42 22.21 10.14
N MET A 55 7.16 21.89 10.39
CA MET A 55 6.04 22.34 9.59
C MET A 55 5.07 23.09 10.50
N VAL A 56 4.68 24.30 10.10
CA VAL A 56 3.77 25.14 10.86
C VAL A 56 2.54 25.41 10.01
N ALA A 57 1.36 25.36 10.63
CA ALA A 57 0.12 25.72 9.96
C ALA A 57 -0.60 26.75 10.80
N ARG A 58 -1.18 27.76 10.16
CA ARG A 58 -1.93 28.81 10.84
C ARG A 58 -3.41 28.67 10.52
N VAL A 59 -4.24 28.78 11.57
CA VAL A 59 -5.67 28.66 11.44
C VAL A 59 -6.33 29.86 12.11
N ALA A 60 -7.11 30.62 11.34
CA ALA A 60 -7.84 31.76 11.91
C ALA A 60 -8.93 31.30 12.87
N LEU A 61 -9.12 32.05 13.94
CA LEU A 61 -10.09 31.70 14.98
C LEU A 61 -11.21 32.74 14.98
N VAL A 62 -12.39 32.36 14.51
CA VAL A 62 -13.55 33.26 14.48
C VAL A 62 -14.52 33.04 15.63
N GLN A 63 -14.30 32.04 16.45
CA GLN A 63 -15.11 31.82 17.63
C GLN A 63 -14.31 32.20 18.85
N PRO A 64 -14.96 32.37 20.01
CA PRO A 64 -14.23 32.81 21.20
C PRO A 64 -13.02 31.93 21.48
N HIS A 65 -11.93 32.57 21.91
CA HIS A 65 -10.67 31.88 22.14
C HIS A 65 -9.93 32.61 23.24
N GLU A 66 -8.94 31.94 23.81
CA GLU A 66 -8.10 32.52 24.85
C GLU A 66 -6.66 32.14 24.52
N PRO A 67 -5.72 33.07 24.65
CA PRO A 67 -4.33 32.79 24.27
C PRO A 67 -3.66 31.80 25.22
N GLY A 68 -2.61 31.17 24.71
CA GLY A 68 -1.87 30.18 25.48
C GLY A 68 -1.22 29.17 24.56
N ALA A 69 -0.54 28.20 25.17
CA ALA A 69 0.14 27.22 24.35
C ALA A 69 0.32 25.94 25.14
N THR A 70 0.39 24.83 24.42
CA THR A 70 0.67 23.53 25.03
C THR A 70 1.12 22.61 23.90
N THR A 71 1.51 21.41 24.25
CA THR A 71 1.81 20.38 23.25
C THR A 71 1.00 19.14 23.58
N VAL A 72 0.55 18.43 22.55
CA VAL A 72 -0.37 17.31 22.70
C VAL A 72 0.06 16.18 21.77
N PRO A 73 -0.16 14.91 22.17
CA PRO A 73 0.19 13.80 21.26
C PRO A 73 -0.43 13.92 19.88
N ALA A 74 0.41 13.89 18.84
CA ALA A 74 -0.05 14.22 17.48
C ALA A 74 -1.02 13.17 16.94
N ARG A 75 -0.63 11.91 16.96
CA ARG A 75 -1.46 10.84 16.43
C ARG A 75 -2.79 10.80 17.15
N LYS A 76 -2.78 10.89 18.47
CA LYS A 76 -4.01 10.82 19.24
C LYS A 76 -4.92 12.00 18.91
N PHE A 77 -4.35 13.21 18.88
CA PHE A 77 -5.16 14.41 18.60
C PHE A 77 -5.71 14.38 17.18
N PHE A 78 -4.86 14.03 16.21
CA PHE A 78 -5.35 13.92 14.84
C PHE A 78 -6.45 12.87 14.74
N ASP A 79 -6.26 11.69 15.34
CA ASP A 79 -7.24 10.62 15.20
C ASP A 79 -8.57 11.00 15.84
N ILE A 80 -8.54 11.77 16.93
CA ILE A 80 -9.77 12.24 17.53
C ILE A 80 -10.51 13.18 16.59
N CYS A 81 -9.81 14.19 16.06
CA CYS A 81 -10.45 15.14 15.17
C CYS A 81 -10.99 14.45 13.91
N ARG A 82 -10.22 13.51 13.35
CA ARG A 82 -10.64 12.81 12.14
C ARG A 82 -11.83 11.90 12.43
N GLY A 83 -11.86 11.31 13.62
CA GLY A 83 -12.92 10.38 13.98
C GLY A 83 -14.23 11.02 14.33
N LEU A 84 -14.28 12.35 14.54
CA LEU A 84 -15.53 13.04 14.85
C LEU A 84 -16.35 13.23 13.58
N PRO A 85 -17.67 13.42 13.72
CA PRO A 85 -18.54 13.56 12.55
C PRO A 85 -18.18 14.78 11.73
N GLU A 86 -18.54 14.72 10.44
CA GLU A 86 -18.37 15.87 9.55
C GLU A 86 -19.11 17.09 10.09
N GLY A 87 -18.43 18.24 10.09
CA GLY A 87 -19.01 19.46 10.62
C GLY A 87 -18.98 19.61 12.12
N ALA A 88 -18.36 18.67 12.85
CA ALA A 88 -18.26 18.75 14.31
C ALA A 88 -17.51 20.00 14.74
N GLU A 89 -17.99 20.62 15.82
CA GLU A 89 -17.27 21.72 16.45
C GLU A 89 -16.40 21.14 17.56
N ILE A 90 -15.10 21.45 17.52
CA ILE A 90 -14.12 20.85 18.41
C ILE A 90 -13.69 21.93 19.38
N ALA A 91 -14.10 21.80 20.65
CA ALA A 91 -13.74 22.75 21.69
C ALA A 91 -12.57 22.19 22.49
N VAL A 92 -11.54 23.02 22.69
CA VAL A 92 -10.30 22.62 23.33
C VAL A 92 -9.99 23.57 24.47
N GLN A 93 -9.61 23.04 25.62
CA GLN A 93 -9.09 23.88 26.69
C GLN A 93 -8.14 23.05 27.55
N LEU A 94 -7.36 23.75 28.36
CA LEU A 94 -6.43 23.08 29.27
C LEU A 94 -7.00 23.05 30.68
N GLU A 95 -6.78 21.92 31.34
CA GLU A 95 -7.13 21.70 32.74
C GLU A 95 -5.86 21.13 33.38
N GLY A 96 -5.06 22.00 33.96
CA GLY A 96 -3.79 21.56 34.50
C GLY A 96 -2.84 21.07 33.42
N GLU A 97 -2.36 19.84 33.57
CA GLU A 97 -1.46 19.23 32.60
C GLU A 97 -2.22 18.37 31.60
N ARG A 98 -3.53 18.55 31.52
CA ARG A 98 -4.35 17.77 30.60
C ARG A 98 -5.09 18.68 29.63
N MET A 99 -5.08 18.31 28.36
N MET A 99 -5.21 18.28 28.38
CA MET A 99 -5.93 18.97 27.39
CA MET A 99 -5.91 19.06 27.37
C MET A 99 -7.28 18.29 27.43
C MET A 99 -7.25 18.40 27.08
N LEU A 100 -8.33 19.10 27.44
CA LEU A 100 -9.69 18.59 27.33
C LEU A 100 -10.24 18.93 25.95
N VAL A 101 -10.71 17.92 25.24
CA VAL A 101 -11.31 18.05 23.91
C VAL A 101 -12.75 17.63 24.04
N ARG A 102 -13.68 18.50 23.63
CA ARG A 102 -15.11 18.22 23.72
C ARG A 102 -15.79 18.56 22.40
N SER A 103 -16.65 17.66 21.95
CA SER A 103 -17.41 17.84 20.71
C SER A 103 -18.66 16.98 20.84
N GLY A 104 -19.84 17.60 20.67
CA GLY A 104 -21.08 16.84 20.81
C GLY A 104 -21.11 16.17 22.17
N ARG A 105 -21.39 14.87 22.15
N ARG A 105 -21.41 14.88 22.20
CA ARG A 105 -21.43 14.05 23.35
CA ARG A 105 -21.36 14.15 23.46
C ARG A 105 -20.13 13.26 23.55
C ARG A 105 -20.14 13.24 23.51
N SER A 106 -19.03 13.75 23.00
CA SER A 106 -17.74 13.09 23.06
C SER A 106 -16.78 13.94 23.88
N ARG A 107 -16.01 13.30 24.76
CA ARG A 107 -15.08 14.00 25.64
C ARG A 107 -13.76 13.24 25.75
N PHE A 108 -12.65 13.98 25.67
CA PHE A 108 -11.32 13.37 25.75
C PHE A 108 -10.40 14.20 26.62
N SER A 109 -9.60 13.52 27.41
CA SER A 109 -8.54 14.10 28.23
C SER A 109 -7.21 13.56 27.76
N LEU A 110 -6.34 14.43 27.23
CA LEU A 110 -5.04 14.06 26.74
C LEU A 110 -3.93 14.61 27.64
N SER A 111 -2.82 13.87 27.72
CA SER A 111 -1.67 14.32 28.47
C SER A 111 -0.88 15.32 27.64
N THR A 112 -0.30 16.32 28.29
CA THR A 112 0.42 17.35 27.56
C THR A 112 1.87 17.37 28.00
N LEU A 113 2.68 18.09 27.23
CA LEU A 113 4.00 18.51 27.67
C LEU A 113 4.11 20.01 27.47
N PRO A 114 4.84 20.72 28.34
CA PRO A 114 4.85 22.19 28.28
C PRO A 114 5.38 22.70 26.95
N ALA A 115 4.77 23.79 26.48
CA ALA A 115 5.22 24.41 25.24
C ALA A 115 6.66 24.88 25.35
N ALA A 116 7.11 25.24 26.56
CA ALA A 116 8.48 25.69 26.75
C ALA A 116 9.51 24.60 26.45
N ASP A 117 9.10 23.33 26.43
CA ASP A 117 9.98 22.22 26.09
C ASP A 117 10.03 21.92 24.59
N PHE A 118 9.26 22.63 23.75
CA PHE A 118 9.21 22.29 22.33
C PHE A 118 10.37 22.95 21.58
N PRO A 119 11.05 22.20 20.72
CA PRO A 119 12.19 22.76 19.97
C PRO A 119 11.77 23.89 19.03
N ASN A 120 12.71 24.78 18.74
CA ASN A 120 12.47 25.93 17.87
C ASN A 120 13.54 25.95 16.77
N LEU A 121 13.09 26.03 15.52
CA LEU A 121 13.95 26.04 14.35
C LEU A 121 13.74 27.30 13.50
N ASP A 122 13.34 28.40 14.14
CA ASP A 122 12.99 29.61 13.42
C ASP A 122 13.97 30.76 13.59
N ASP A 123 15.01 30.63 14.42
CA ASP A 123 15.90 31.76 14.74
C ASP A 123 17.11 31.76 13.80
N TRP A 124 16.90 32.28 12.60
CA TRP A 124 17.97 32.42 11.62
C TRP A 124 17.58 33.51 10.64
N GLN A 125 18.52 33.92 9.80
CA GLN A 125 18.33 35.03 8.86
C GLN A 125 18.36 34.55 7.41
N SER A 126 17.41 35.02 6.62
CA SER A 126 17.38 34.67 5.21
C SER A 126 18.43 35.50 4.46
N GLU A 127 19.12 34.83 3.53
CA GLU A 127 20.13 35.47 2.70
C GLU A 127 19.79 35.50 1.21
N VAL A 128 18.88 34.64 0.75
CA VAL A 128 18.37 34.64 -0.61
C VAL A 128 16.87 34.40 -0.54
N GLU A 129 16.09 35.17 -1.30
CA GLU A 129 14.63 35.00 -1.28
C GLU A 129 14.08 35.13 -2.69
N PHE A 130 13.01 34.38 -2.96
CA PHE A 130 12.35 34.50 -4.26
C PHE A 130 10.96 33.89 -4.15
N THR A 131 10.14 34.20 -5.15
CA THR A 131 8.78 33.69 -5.24
C THR A 131 8.63 32.95 -6.56
N LEU A 132 7.87 31.86 -6.55
CA LEU A 132 7.62 31.09 -7.77
C LEU A 132 6.33 30.31 -7.58
N PRO A 133 5.70 29.90 -8.69
CA PRO A 133 4.50 29.06 -8.58
C PRO A 133 4.81 27.73 -7.92
N GLN A 134 3.82 27.19 -7.19
CA GLN A 134 4.06 25.90 -6.56
C GLN A 134 4.29 24.82 -7.59
N ALA A 135 3.61 24.89 -8.74
CA ALA A 135 3.78 23.90 -9.79
C ALA A 135 5.20 23.89 -10.31
N THR A 136 5.81 25.07 -10.42
CA THR A 136 7.18 25.14 -10.90
C THR A 136 8.13 24.51 -9.90
N MET A 137 7.93 24.78 -8.61
CA MET A 137 8.79 24.17 -7.61
C MET A 137 8.55 22.67 -7.53
N LYS A 138 7.29 22.23 -7.68
CA LYS A 138 6.99 20.81 -7.64
C LYS A 138 7.65 20.11 -8.82
N ARG A 139 7.59 20.72 -10.01
CA ARG A 139 8.22 20.11 -11.18
C ARG A 139 9.73 20.00 -11.00
N LEU A 140 10.37 21.07 -10.48
CA LEU A 140 11.80 20.99 -10.22
C LEU A 140 12.14 19.80 -9.34
N ILE A 141 11.32 19.56 -8.32
CA ILE A 141 11.62 18.48 -7.38
C ILE A 141 11.33 17.13 -8.02
N GLU A 142 10.17 17.00 -8.67
CA GLU A 142 9.77 15.71 -9.23
C GLU A 142 10.71 15.27 -10.35
N ALA A 143 11.27 16.21 -11.10
CA ALA A 143 12.15 15.86 -12.20
C ALA A 143 13.47 15.27 -11.73
N THR A 144 13.86 15.46 -10.47
CA THR A 144 15.18 15.06 -10.01
C THR A 144 15.23 14.21 -8.75
N GLN A 145 14.17 14.18 -7.92
CA GLN A 145 14.29 13.58 -6.59
C GLN A 145 14.67 12.09 -6.62
N PHE A 146 14.25 11.35 -7.65
CA PHE A 146 14.55 9.92 -7.70
C PHE A 146 16.06 9.66 -7.80
N SER A 147 16.86 10.66 -8.17
CA SER A 147 18.30 10.46 -8.29
C SER A 147 19.05 10.75 -7.01
N MET A 148 18.37 11.16 -5.94
N MET A 148 18.36 11.19 -5.94
CA MET A 148 19.06 11.39 -4.68
CA MET A 148 19.07 11.37 -4.68
C MET A 148 19.51 10.06 -4.07
C MET A 148 19.58 10.03 -4.16
N ALA A 149 20.66 10.08 -3.39
CA ALA A 149 21.07 8.90 -2.64
C ALA A 149 20.09 8.72 -1.48
N HIS A 150 19.79 7.45 -1.18
N HIS A 150 19.79 7.45 -1.17
CA HIS A 150 18.75 7.13 -0.21
CA HIS A 150 18.75 7.17 -0.18
C HIS A 150 19.31 7.02 1.21
C HIS A 150 19.32 7.04 1.22
N GLN A 151 20.43 6.33 1.37
CA GLN A 151 21.06 6.17 2.68
C GLN A 151 22.56 6.04 2.51
N ASP A 152 23.11 6.76 1.55
CA ASP A 152 24.54 6.72 1.28
C ASP A 152 25.33 7.23 2.48
N VAL A 153 26.50 6.64 2.71
CA VAL A 153 27.37 7.15 3.77
C VAL A 153 27.90 8.54 3.40
N ARG A 154 27.99 8.84 2.10
CA ARG A 154 28.26 10.20 1.65
C ARG A 154 27.00 11.02 1.87
N TYR A 155 26.88 11.55 3.08
CA TYR A 155 25.65 12.19 3.56
C TYR A 155 25.23 13.36 2.70
N TYR A 156 26.18 14.01 2.04
CA TYR A 156 25.88 15.17 1.21
C TYR A 156 25.16 14.80 -0.08
N LEU A 157 25.09 13.51 -0.43
CA LEU A 157 24.27 13.04 -1.55
C LEU A 157 22.85 12.66 -1.14
N ASN A 158 22.60 12.50 0.17
CA ASN A 158 21.26 12.17 0.66
C ASN A 158 20.40 13.43 0.74
N GLY A 159 20.24 14.06 -0.41
CA GLY A 159 19.58 15.34 -0.47
C GLY A 159 19.62 15.90 -1.88
N MET A 160 19.11 17.12 -2.03
CA MET A 160 19.04 17.74 -3.34
C MET A 160 19.59 19.15 -3.32
N LEU A 161 20.46 19.44 -4.28
CA LEU A 161 21.08 20.74 -4.39
C LEU A 161 20.05 21.71 -4.96
N PHE A 162 19.88 22.85 -4.31
CA PHE A 162 19.11 23.97 -4.83
C PHE A 162 20.06 25.11 -5.13
N GLU A 163 20.07 25.57 -6.36
CA GLU A 163 21.08 26.51 -6.80
C GLU A 163 20.41 27.65 -7.53
N THR A 164 20.80 28.88 -7.19
CA THR A 164 20.28 30.09 -7.83
C THR A 164 21.44 30.74 -8.57
N GLU A 165 21.17 31.20 -9.79
CA GLU A 165 22.16 31.93 -10.57
C GLU A 165 21.40 32.75 -11.59
N GLY A 166 21.72 34.04 -11.68
CA GLY A 166 21.01 34.91 -12.61
C GLY A 166 19.54 34.90 -12.27
N GLU A 167 18.69 34.51 -13.23
CA GLU A 167 17.28 34.38 -12.93
C GLU A 167 16.79 32.94 -12.98
N GLU A 168 17.69 31.96 -12.86
CA GLU A 168 17.27 30.57 -12.87
C GLU A 168 17.35 29.96 -11.48
N LEU A 169 16.39 29.07 -11.22
CA LEU A 169 16.45 28.16 -10.10
C LEU A 169 16.74 26.77 -10.66
N ARG A 170 17.66 26.07 -10.04
CA ARG A 170 18.14 24.77 -10.48
C ARG A 170 18.12 23.77 -9.33
N THR A 171 17.65 22.52 -9.59
CA THR A 171 17.81 21.41 -8.66
C THR A 171 18.76 20.37 -9.23
N VAL A 172 19.58 19.79 -8.36
CA VAL A 172 20.51 18.74 -8.76
C VAL A 172 20.46 17.62 -7.73
N ALA A 173 20.43 16.38 -8.20
CA ALA A 173 20.44 15.21 -7.33
C ALA A 173 21.31 14.14 -7.96
N THR A 174 22.08 13.44 -7.13
CA THR A 174 22.94 12.38 -7.63
C THR A 174 23.25 11.40 -6.51
N ASP A 175 23.48 10.14 -6.89
CA ASP A 175 23.90 9.13 -5.93
C ASP A 175 25.30 8.63 -6.22
N GLY A 176 26.07 9.34 -7.05
CA GLY A 176 27.39 8.90 -7.48
C GLY A 176 27.37 7.99 -8.69
N HIS A 177 26.21 7.47 -9.06
CA HIS A 177 26.04 6.59 -10.22
C HIS A 177 25.23 7.23 -11.33
N ARG A 178 24.21 8.01 -10.96
CA ARG A 178 23.38 8.71 -11.93
C ARG A 178 23.06 10.08 -11.34
N LEU A 179 22.74 11.00 -12.23
CA LEU A 179 22.54 12.38 -11.82
C LEU A 179 21.35 12.94 -12.57
N ALA A 180 20.63 13.87 -11.93
CA ALA A 180 19.53 14.58 -12.55
C ALA A 180 19.68 16.07 -12.26
N VAL A 181 19.42 16.91 -13.27
CA VAL A 181 19.47 18.37 -13.10
C VAL A 181 18.32 18.98 -13.88
N CYS A 182 17.65 19.95 -13.25
CA CYS A 182 16.51 20.60 -13.85
C CYS A 182 16.62 22.09 -13.54
N SER A 183 16.38 22.94 -14.54
CA SER A 183 16.54 24.39 -14.44
C SER A 183 15.26 25.08 -14.89
N MET A 184 14.87 26.14 -14.17
CA MET A 184 13.66 26.88 -14.47
C MET A 184 13.93 28.37 -14.29
N PRO A 185 13.53 29.21 -15.24
CA PRO A 185 13.64 30.66 -15.02
C PRO A 185 12.53 31.11 -14.10
N ILE A 186 12.86 32.02 -13.19
CA ILE A 186 11.84 32.49 -12.25
C ILE A 186 11.65 34.00 -12.29
N GLY A 187 12.30 34.69 -13.22
CA GLY A 187 12.00 36.09 -13.46
C GLY A 187 12.43 37.06 -12.38
N GLN A 188 13.45 36.70 -11.59
CA GLN A 188 14.01 37.56 -10.56
C GLN A 188 15.53 37.41 -10.62
N SER A 189 16.25 38.53 -10.56
CA SER A 189 17.71 38.48 -10.52
C SER A 189 18.16 37.98 -9.16
N LEU A 190 18.91 36.88 -9.13
CA LEU A 190 19.29 36.25 -7.88
C LEU A 190 20.80 36.20 -7.72
N PRO A 191 21.30 36.24 -6.50
CA PRO A 191 22.73 36.00 -6.30
C PRO A 191 23.06 34.54 -6.55
N SER A 192 24.33 34.29 -6.84
CA SER A 192 24.81 32.94 -7.03
C SER A 192 24.95 32.26 -5.68
N HIS A 193 24.25 31.14 -5.51
CA HIS A 193 24.12 30.50 -4.22
C HIS A 193 23.70 29.06 -4.45
N SER A 194 24.13 28.16 -3.57
CA SER A 194 23.66 26.79 -3.63
C SER A 194 23.71 26.16 -2.24
N VAL A 195 22.69 25.36 -1.94
CA VAL A 195 22.55 24.68 -0.65
C VAL A 195 22.02 23.28 -0.90
N ILE A 196 22.26 22.39 0.07
CA ILE A 196 21.76 21.02 0.03
C ILE A 196 20.61 20.89 1.03
N VAL A 197 19.45 20.51 0.53
CA VAL A 197 18.26 20.25 1.33
C VAL A 197 18.22 18.75 1.60
N PRO A 198 18.10 18.31 2.85
CA PRO A 198 18.10 16.87 3.12
C PRO A 198 16.94 16.18 2.46
N ARG A 199 17.13 14.88 2.17
CA ARG A 199 16.18 14.11 1.39
C ARG A 199 14.79 14.13 2.02
N LYS A 200 14.71 13.95 3.35
CA LYS A 200 13.40 13.95 3.98
C LYS A 200 12.70 15.29 3.84
N GLY A 201 13.47 16.39 3.95
CA GLY A 201 12.89 17.72 3.76
C GLY A 201 12.41 17.97 2.34
N VAL A 202 13.18 17.47 1.36
CA VAL A 202 12.77 17.60 -0.04
C VAL A 202 11.42 16.96 -0.26
N ILE A 203 11.26 15.73 0.22
CA ILE A 203 10.02 14.98 0.06
C ILE A 203 8.87 15.71 0.74
N GLU A 204 9.13 16.26 1.92
CA GLU A 204 8.08 16.95 2.66
C GLU A 204 7.67 18.25 1.97
N LEU A 205 8.63 19.00 1.45
CA LEU A 205 8.29 20.19 0.69
C LEU A 205 7.44 19.82 -0.52
N MET A 206 7.85 18.78 -1.25
CA MET A 206 7.08 18.30 -2.40
C MET A 206 5.62 18.07 -2.02
N ARG A 207 5.39 17.38 -0.91
CA ARG A 207 4.05 17.00 -0.47
C ARG A 207 3.23 18.17 0.04
N MET A 208 3.84 19.31 0.35
CA MET A 208 3.07 20.47 0.76
C MET A 208 2.57 21.29 -0.42
N LEU A 209 2.98 20.97 -1.63
CA LEU A 209 2.60 21.76 -2.79
C LEU A 209 1.46 21.08 -3.52
N ASP A 210 0.46 21.85 -3.90
CA ASP A 210 -0.70 21.36 -4.64
C ASP A 210 -0.80 21.92 -6.05
N GLY A 211 0.11 22.77 -6.48
CA GLY A 211 -0.02 23.36 -7.80
C GLY A 211 -1.11 24.39 -7.93
N GLY A 212 -1.56 24.95 -6.82
CA GLY A 212 -2.59 25.97 -6.84
C GLY A 212 -2.06 27.29 -7.37
N ASP A 213 -2.96 28.27 -7.43
CA ASP A 213 -2.52 29.58 -7.89
C ASP A 213 -1.80 30.33 -6.80
N ASN A 214 -1.72 29.76 -5.60
CA ASN A 214 -0.97 30.38 -4.54
C ASN A 214 0.53 30.35 -4.88
N PRO A 215 1.24 31.46 -4.74
CA PRO A 215 2.68 31.44 -4.93
C PRO A 215 3.37 30.81 -3.73
N LEU A 216 4.57 30.31 -3.97
CA LEU A 216 5.43 29.81 -2.90
C LEU A 216 6.56 30.80 -2.70
N ARG A 217 6.74 31.26 -1.47
CA ARG A 217 7.83 32.15 -1.12
C ARG A 217 8.93 31.32 -0.49
N VAL A 218 10.14 31.39 -1.05
CA VAL A 218 11.28 30.63 -0.56
C VAL A 218 12.28 31.59 0.05
N GLN A 219 12.79 31.25 1.22
CA GLN A 219 13.89 31.99 1.85
C GLN A 219 14.97 31.00 2.21
N ILE A 220 16.20 31.31 1.81
CA ILE A 220 17.36 30.46 2.04
C ILE A 220 18.34 31.21 2.93
N GLY A 221 18.67 30.61 4.08
CA GLY A 221 19.67 31.14 4.98
C GLY A 221 20.99 30.41 4.84
N SER A 222 21.90 30.72 5.77
CA SER A 222 23.18 30.04 5.78
C SER A 222 23.03 28.56 6.14
N ASN A 223 22.11 28.22 7.03
CA ASN A 223 21.96 26.85 7.49
C ASN A 223 20.53 26.32 7.42
N ASN A 224 19.60 27.08 6.84
CA ASN A 224 18.21 26.63 6.78
C ASN A 224 17.58 27.09 5.49
N ILE A 225 16.45 26.48 5.18
CA ILE A 225 15.60 26.90 4.07
C ILE A 225 14.17 26.92 4.57
N ARG A 226 13.39 27.90 4.12
CA ARG A 226 12.00 28.04 4.53
C ARG A 226 11.14 28.25 3.31
N ALA A 227 9.97 27.62 3.31
CA ALA A 227 9.02 27.78 2.22
C ALA A 227 7.67 28.14 2.82
N HIS A 228 7.11 29.26 2.37
CA HIS A 228 5.81 29.72 2.80
C HIS A 228 4.85 29.49 1.65
N VAL A 229 3.80 28.73 1.88
CA VAL A 229 2.74 28.65 0.88
C VAL A 229 1.39 28.60 1.58
N GLY A 230 0.49 29.49 1.19
CA GLY A 230 -0.79 29.59 1.87
C GLY A 230 -0.57 29.83 3.36
N ASP A 231 -1.23 29.04 4.19
CA ASP A 231 -1.11 29.20 5.63
C ASP A 231 -0.19 28.17 6.26
N PHE A 232 0.76 27.65 5.47
CA PHE A 232 1.73 26.65 5.90
C PHE A 232 3.14 27.23 5.71
N ILE A 233 4.01 26.95 6.68
CA ILE A 233 5.41 27.34 6.63
C ILE A 233 6.23 26.12 6.94
N PHE A 234 7.07 25.69 6.00
CA PHE A 234 7.97 24.56 6.19
C PHE A 234 9.39 25.08 6.34
N THR A 235 10.13 24.57 7.33
CA THR A 235 11.52 24.96 7.51
C THR A 235 12.37 23.71 7.69
N SER A 236 13.54 23.70 7.06
CA SER A 236 14.46 22.58 7.20
C SER A 236 15.88 23.09 7.39
N LYS A 237 16.62 22.40 8.25
CA LYS A 237 18.07 22.57 8.27
C LYS A 237 18.65 22.14 6.93
N LEU A 238 19.75 22.76 6.54
CA LEU A 238 20.49 22.37 5.34
C LEU A 238 21.56 21.33 5.68
N VAL A 239 21.96 20.55 4.68
CA VAL A 239 23.05 19.60 4.86
C VAL A 239 24.35 20.38 4.80
N ASP A 240 25.19 20.21 5.82
CA ASP A 240 26.48 20.89 5.89
C ASP A 240 27.50 20.04 5.15
N GLY A 241 27.57 20.22 3.84
CA GLY A 241 28.51 19.46 3.03
C GLY A 241 28.71 20.12 1.68
N ARG A 242 29.68 19.60 0.94
CA ARG A 242 29.98 20.08 -0.40
C ARG A 242 29.44 19.09 -1.42
N PHE A 243 28.65 19.58 -2.34
CA PHE A 243 28.01 18.86 -3.42
C PHE A 243 28.89 18.85 -4.66
N PRO A 244 28.87 17.79 -5.46
CA PRO A 244 29.63 17.79 -6.72
C PRO A 244 29.07 18.81 -7.72
N ASP A 245 29.95 19.24 -8.64
CA ASP A 245 29.59 20.19 -9.69
C ASP A 245 29.00 19.47 -10.89
N TYR A 246 27.69 19.61 -11.10
CA TYR A 246 27.06 18.91 -12.22
C TYR A 246 27.68 19.34 -13.55
N ARG A 247 28.24 20.55 -13.60
CA ARG A 247 28.84 21.04 -14.83
C ARG A 247 29.97 20.14 -15.30
N ARG A 248 30.73 19.54 -14.36
CA ARG A 248 31.86 18.69 -14.69
C ARG A 248 31.44 17.32 -15.21
N VAL A 249 30.28 16.81 -14.79
N VAL A 249 30.26 16.89 -14.78
CA VAL A 249 29.91 15.46 -15.20
CA VAL A 249 29.76 15.55 -15.05
C VAL A 249 28.98 15.42 -16.40
C VAL A 249 29.11 15.47 -16.43
N LEU A 250 28.50 16.56 -16.89
CA LEU A 250 27.75 16.54 -18.13
C LEU A 250 28.70 16.24 -19.28
N PRO A 251 28.43 15.23 -20.10
CA PRO A 251 29.33 14.94 -21.23
C PRO A 251 29.48 16.15 -22.12
N LYS A 252 30.73 16.48 -22.46
CA LYS A 252 30.99 17.66 -23.25
C LYS A 252 30.93 17.37 -24.74
N ASN A 253 31.64 16.34 -25.20
CA ASN A 253 31.75 16.04 -26.62
C ASN A 253 31.17 14.67 -26.94
N PRO A 254 29.84 14.51 -26.85
CA PRO A 254 29.24 13.22 -27.20
C PRO A 254 29.13 13.09 -28.70
N ASP A 255 29.83 12.11 -29.28
CA ASP A 255 29.83 11.95 -30.73
C ASP A 255 28.74 11.02 -31.23
N LYS A 256 27.90 10.46 -30.33
CA LYS A 256 26.83 9.56 -30.73
C LYS A 256 25.50 10.11 -30.23
N HIS A 257 24.53 10.22 -31.12
CA HIS A 257 23.23 10.75 -30.76
C HIS A 257 22.16 9.75 -31.16
N LEU A 258 21.31 9.36 -30.22
CA LEU A 258 20.23 8.42 -30.48
C LEU A 258 18.91 9.08 -30.12
N GLU A 259 17.92 8.93 -30.99
CA GLU A 259 16.57 9.38 -30.65
C GLU A 259 15.60 8.23 -30.81
N ALA A 260 14.68 8.10 -29.86
CA ALA A 260 13.74 6.99 -29.86
C ALA A 260 12.45 7.44 -29.22
N GLY A 261 11.37 6.71 -29.52
CA GLY A 261 10.11 6.96 -28.84
C GLY A 261 10.20 6.54 -27.39
N CYS A 262 9.81 7.45 -26.49
CA CYS A 262 10.00 7.20 -25.06
C CYS A 262 9.21 5.99 -24.59
N ASP A 263 7.94 5.89 -25.00
CA ASP A 263 7.09 4.80 -24.53
C ASP A 263 7.61 3.45 -25.03
N LEU A 264 7.94 3.35 -26.32
CA LEU A 264 8.45 2.09 -26.84
C LEU A 264 9.77 1.70 -26.16
N LEU A 265 10.63 2.69 -25.91
CA LEU A 265 11.90 2.42 -25.26
C LEU A 265 11.71 2.00 -23.80
N LYS A 266 10.86 2.72 -23.08
CA LYS A 266 10.62 2.35 -21.69
C LYS A 266 10.03 0.95 -21.58
N GLN A 267 9.09 0.61 -22.47
CA GLN A 267 8.47 -0.71 -22.43
C GLN A 267 9.46 -1.80 -22.78
N ALA A 268 10.36 -1.55 -23.74
CA ALA A 268 11.34 -2.55 -24.09
C ALA A 268 12.30 -2.79 -22.94
N PHE A 269 12.76 -1.70 -22.30
CA PHE A 269 13.64 -1.85 -21.13
C PHE A 269 12.92 -2.55 -19.98
N ALA A 270 11.63 -2.24 -19.77
CA ALA A 270 10.90 -2.87 -18.67
C ALA A 270 10.76 -4.37 -18.88
N ARG A 271 10.52 -4.81 -20.11
CA ARG A 271 10.45 -6.25 -20.37
C ARG A 271 11.83 -6.90 -20.25
N ALA A 272 12.85 -6.30 -20.84
CA ALA A 272 14.21 -6.86 -20.73
C ALA A 272 14.64 -6.99 -19.27
N ALA A 273 14.25 -6.04 -18.41
CA ALA A 273 14.63 -6.09 -17.00
C ALA A 273 14.20 -7.38 -16.33
N ILE A 274 13.10 -7.99 -16.80
CA ILE A 274 12.56 -9.18 -16.15
C ILE A 274 13.59 -10.28 -16.09
N LEU A 275 14.40 -10.42 -17.14
CA LEU A 275 15.42 -11.46 -17.18
C LEU A 275 16.82 -10.93 -16.94
N SER A 276 16.95 -9.77 -16.30
CA SER A 276 18.25 -9.29 -15.85
C SER A 276 18.53 -9.85 -14.47
N ASN A 277 19.80 -9.74 -14.05
CA ASN A 277 20.22 -10.17 -12.73
C ASN A 277 19.40 -9.46 -11.65
N GLU A 278 18.77 -10.25 -10.77
CA GLU A 278 17.80 -9.69 -9.83
C GLU A 278 18.42 -8.66 -8.91
N LYS A 279 19.73 -8.78 -8.66
CA LYS A 279 20.39 -7.85 -7.75
C LYS A 279 21.05 -6.68 -8.48
N PHE A 280 21.72 -6.91 -9.62
CA PHE A 280 22.48 -5.84 -10.26
C PHE A 280 21.79 -5.26 -11.49
N ARG A 281 20.77 -5.95 -12.03
CA ARG A 281 19.81 -5.39 -13.01
C ARG A 281 20.48 -4.94 -14.31
N GLY A 282 21.57 -5.57 -14.71
CA GLY A 282 22.32 -5.11 -15.87
C GLY A 282 21.66 -5.55 -17.18
N VAL A 283 21.60 -4.61 -18.13
CA VAL A 283 21.16 -4.88 -19.48
C VAL A 283 22.22 -4.36 -20.44
N ARG A 284 22.26 -4.93 -21.64
CA ARG A 284 23.17 -4.50 -22.68
C ARG A 284 22.39 -3.79 -23.77
N LEU A 285 22.92 -2.67 -24.25
CA LEU A 285 22.37 -1.95 -25.38
C LEU A 285 23.34 -2.06 -26.56
N TYR A 286 22.82 -2.48 -27.71
CA TYR A 286 23.59 -2.50 -28.96
C TYR A 286 22.97 -1.52 -29.93
N VAL A 287 23.74 -0.55 -30.39
N VAL A 287 23.74 -0.52 -30.35
CA VAL A 287 23.23 0.49 -31.26
CA VAL A 287 23.23 0.51 -31.26
C VAL A 287 23.96 0.46 -32.58
C VAL A 287 23.97 0.42 -32.59
N SER A 288 23.20 0.48 -33.68
CA SER A 288 23.74 0.52 -35.02
C SER A 288 22.79 1.41 -35.82
N GLU A 289 23.07 1.54 -37.12
CA GLU A 289 22.31 2.44 -37.98
C GLU A 289 20.81 2.22 -37.82
N ASN A 290 20.16 3.22 -37.20
CA ASN A 290 18.71 3.23 -37.02
C ASN A 290 18.17 2.00 -36.31
N GLN A 291 18.95 1.36 -35.44
CA GLN A 291 18.41 0.22 -34.73
C GLN A 291 19.06 0.08 -33.35
N LEU A 292 18.24 -0.27 -32.37
CA LEU A 292 18.74 -0.54 -31.03
C LEU A 292 18.28 -1.93 -30.61
N LYS A 293 19.21 -2.73 -30.09
CA LYS A 293 18.88 -4.01 -29.51
C LYS A 293 19.22 -4.00 -28.03
N ILE A 294 18.27 -4.42 -27.21
CA ILE A 294 18.45 -4.53 -25.77
C ILE A 294 18.45 -6.02 -25.42
N THR A 295 19.48 -6.48 -24.71
CA THR A 295 19.51 -7.86 -24.23
C THR A 295 19.70 -7.87 -22.72
N ALA A 296 19.21 -8.93 -22.09
CA ALA A 296 19.37 -9.16 -20.67
C ALA A 296 19.57 -10.65 -20.42
N ASN A 297 20.49 -10.99 -19.52
N ASN A 297 20.47 -10.99 -19.51
CA ASN A 297 20.78 -12.37 -19.13
CA ASN A 297 20.76 -12.36 -19.12
C ASN A 297 20.92 -12.43 -17.61
C ASN A 297 20.88 -12.41 -17.61
N ASN A 298 20.57 -13.57 -17.03
CA ASN A 298 20.61 -13.76 -15.59
C ASN A 298 21.37 -15.05 -15.28
N PRO A 299 21.64 -15.32 -13.99
CA PRO A 299 22.41 -16.52 -13.65
C PRO A 299 21.75 -17.82 -14.08
N GLU A 300 20.44 -17.84 -14.28
CA GLU A 300 19.76 -19.03 -14.78
C GLU A 300 19.91 -19.21 -16.29
N GLN A 301 20.74 -18.38 -16.94
CA GLN A 301 20.94 -18.42 -18.39
C GLN A 301 19.65 -18.14 -19.15
N GLU A 302 18.73 -17.42 -18.52
CA GLU A 302 17.57 -16.88 -19.19
C GLU A 302 17.97 -15.64 -19.99
N GLU A 303 17.23 -15.34 -21.06
CA GLU A 303 17.63 -14.27 -21.98
C GLU A 303 16.42 -13.55 -22.56
N ALA A 304 16.50 -12.22 -22.57
CA ALA A 304 15.52 -11.34 -23.22
C ALA A 304 16.20 -10.59 -24.36
N GLU A 305 15.48 -10.39 -25.45
CA GLU A 305 15.97 -9.59 -26.56
C GLU A 305 14.84 -8.72 -27.06
N GLU A 306 15.13 -7.44 -27.19
CA GLU A 306 14.20 -6.44 -27.70
C GLU A 306 14.89 -5.72 -28.85
N ILE A 307 14.16 -5.49 -29.93
CA ILE A 307 14.70 -4.75 -31.07
C ILE A 307 13.78 -3.57 -31.35
N LEU A 308 14.36 -2.39 -31.54
CA LEU A 308 13.62 -1.17 -31.77
C LEU A 308 14.20 -0.41 -32.95
N ASP A 309 13.34 0.16 -33.77
CA ASP A 309 13.79 1.13 -34.76
C ASP A 309 13.97 2.47 -34.08
N VAL A 310 15.12 3.08 -34.31
CA VAL A 310 15.47 4.37 -33.73
C VAL A 310 16.14 5.21 -34.80
N THR A 311 16.46 6.45 -34.46
CA THR A 311 17.29 7.30 -35.30
C THR A 311 18.66 7.41 -34.64
N TYR A 312 19.70 6.97 -35.33
CA TYR A 312 21.01 6.88 -34.70
C TYR A 312 22.14 7.31 -35.63
N SER A 313 22.99 8.21 -35.12
CA SER A 313 24.16 8.72 -35.84
C SER A 313 25.40 8.40 -35.04
N GLY A 314 26.30 7.64 -35.66
CA GLY A 314 27.57 7.31 -35.05
C GLY A 314 27.99 5.88 -35.31
N ALA A 315 29.13 5.49 -34.76
CA ALA A 315 29.62 4.14 -34.93
C ALA A 315 28.78 3.16 -34.12
N GLU A 316 28.80 1.90 -34.53
CA GLU A 316 28.17 0.86 -33.73
C GLU A 316 28.84 0.83 -32.38
N MET A 317 28.07 0.59 -31.32
N MET A 317 28.05 0.49 -31.35
CA MET A 317 28.68 0.42 -30.02
CA MET A 317 28.53 0.53 -29.99
C MET A 317 27.74 -0.34 -29.09
C MET A 317 27.71 -0.45 -29.14
N GLU A 318 28.34 -0.99 -28.10
CA GLU A 318 27.65 -1.73 -27.06
C GLU A 318 27.96 -1.07 -25.72
N ILE A 319 26.95 -0.99 -24.85
CA ILE A 319 27.10 -0.34 -23.56
C ILE A 319 26.15 -1.01 -22.58
N GLY A 320 26.57 -1.13 -21.32
CA GLY A 320 25.78 -1.77 -20.29
C GLY A 320 25.26 -0.74 -19.31
N PHE A 321 24.04 -0.99 -18.79
CA PHE A 321 23.38 -0.08 -17.84
C PHE A 321 22.63 -0.86 -16.78
N ASN A 322 22.54 -0.26 -15.61
CA ASN A 322 21.54 -0.67 -14.64
C ASN A 322 20.19 -0.23 -15.18
N VAL A 323 19.33 -1.20 -15.48
CA VAL A 323 18.11 -0.87 -16.19
C VAL A 323 17.16 -0.05 -15.31
N SER A 324 17.27 -0.17 -13.98
CA SER A 324 16.43 0.67 -13.11
C SER A 324 16.80 2.14 -13.24
N TYR A 325 18.09 2.44 -13.38
CA TYR A 325 18.50 3.83 -13.59
C TYR A 325 17.92 4.38 -14.88
N VAL A 326 17.92 3.56 -15.94
CA VAL A 326 17.39 4.02 -17.20
C VAL A 326 15.88 4.21 -17.11
N LEU A 327 15.19 3.24 -16.50
CA LEU A 327 13.74 3.31 -16.38
C LEU A 327 13.30 4.47 -15.50
N ASP A 328 14.05 4.77 -14.44
CA ASP A 328 13.72 5.96 -13.63
C ASP A 328 13.69 7.23 -14.48
N VAL A 329 14.69 7.39 -15.35
CA VAL A 329 14.76 8.58 -16.18
C VAL A 329 13.60 8.61 -17.15
N LEU A 330 13.35 7.49 -17.82
CA LEU A 330 12.30 7.47 -18.81
C LEU A 330 10.94 7.67 -18.17
N ASN A 331 10.76 7.19 -16.94
CA ASN A 331 9.51 7.44 -16.22
C ASN A 331 9.38 8.91 -15.83
N ALA A 332 10.49 9.59 -15.54
CA ALA A 332 10.42 11.00 -15.17
C ALA A 332 10.15 11.89 -16.39
N LEU A 333 10.67 11.52 -17.55
CA LEU A 333 10.40 12.27 -18.77
C LEU A 333 9.00 11.95 -19.26
N LYS A 334 8.21 12.99 -19.53
CA LYS A 334 6.85 12.83 -20.03
C LYS A 334 6.78 13.46 -21.42
N CYS A 335 7.44 12.84 -22.39
CA CYS A 335 7.59 13.38 -23.74
C CYS A 335 7.52 12.26 -24.75
N GLU A 336 7.28 12.60 -26.02
CA GLU A 336 7.10 11.51 -26.99
C GLU A 336 8.43 10.87 -27.37
N ASN A 337 9.47 11.68 -27.61
CA ASN A 337 10.77 11.14 -27.97
C ASN A 337 11.84 11.55 -26.96
N VAL A 338 12.83 10.67 -26.80
CA VAL A 338 13.92 10.91 -25.88
C VAL A 338 15.19 10.89 -26.71
N ARG A 339 16.19 11.70 -26.38
CA ARG A 339 17.52 11.78 -26.97
C ARG A 339 18.53 11.12 -26.04
N MET A 340 19.36 10.23 -26.45
N MET A 340 19.39 10.24 -26.45
CA MET A 340 20.51 9.74 -25.69
CA MET A 340 20.50 9.72 -25.67
C MET A 340 21.77 10.19 -26.40
C MET A 340 21.81 10.08 -26.36
N MET A 341 22.72 10.72 -25.64
CA MET A 341 23.99 11.17 -26.17
C MET A 341 25.09 10.38 -25.50
N LEU A 342 25.92 9.71 -26.31
CA LEU A 342 26.88 8.74 -25.83
C LEU A 342 28.26 9.00 -26.40
N THR A 343 29.27 8.40 -25.78
CA THR A 343 30.59 8.42 -26.40
C THR A 343 31.11 6.99 -26.51
N ASP A 344 31.31 6.32 -25.39
CA ASP A 344 31.74 4.92 -25.48
C ASP A 344 31.20 4.15 -24.28
N SER A 345 31.64 2.89 -24.15
CA SER A 345 31.08 1.97 -23.18
C SER A 345 31.55 2.23 -21.76
N VAL A 346 32.51 3.14 -21.55
CA VAL A 346 33.04 3.43 -20.22
C VAL A 346 32.76 4.86 -19.79
N SER A 347 31.95 5.60 -20.54
CA SER A 347 31.68 7.01 -20.28
C SER A 347 30.20 7.24 -20.01
N PRO A 348 29.85 8.32 -19.29
CA PRO A 348 28.44 8.58 -18.99
C PRO A 348 27.65 8.86 -20.25
N VAL A 349 26.36 8.55 -20.20
CA VAL A 349 25.43 8.97 -21.23
C VAL A 349 24.49 10.02 -20.66
N GLN A 350 24.08 10.93 -21.52
CA GLN A 350 23.12 11.95 -21.17
C GLN A 350 21.79 11.64 -21.86
N ILE A 351 20.71 11.71 -21.10
CA ILE A 351 19.37 11.41 -21.59
C ILE A 351 18.49 12.63 -21.37
N GLU A 352 17.75 13.03 -22.39
CA GLU A 352 16.88 14.19 -22.26
C GLU A 352 15.67 14.00 -23.15
N ASP A 353 14.61 14.76 -22.84
CA ASP A 353 13.55 14.98 -23.81
C ASP A 353 14.15 15.51 -25.10
N ALA A 354 13.74 14.93 -26.24
CA ALA A 354 14.27 15.39 -27.51
C ALA A 354 13.88 16.84 -27.79
N ALA A 355 12.80 17.32 -27.19
CA ALA A 355 12.26 18.66 -27.44
C ALA A 355 12.46 19.62 -26.28
N SER A 356 13.28 19.28 -25.28
CA SER A 356 13.44 20.20 -24.16
C SER A 356 14.81 19.99 -23.53
N GLN A 357 15.46 21.10 -23.19
CA GLN A 357 16.74 21.06 -22.50
C GLN A 357 16.62 21.48 -21.04
N SER A 358 15.39 21.62 -20.53
CA SER A 358 15.20 22.08 -19.15
C SER A 358 15.69 21.07 -18.12
N ALA A 359 15.61 19.76 -18.42
CA ALA A 359 16.10 18.71 -17.54
C ALA A 359 17.10 17.84 -18.28
N ALA A 360 18.13 17.40 -17.57
CA ALA A 360 19.15 16.53 -18.14
C ALA A 360 19.43 15.42 -17.15
N TYR A 361 19.63 14.22 -17.67
CA TYR A 361 19.92 13.04 -16.84
C TYR A 361 21.23 12.44 -17.34
N VAL A 362 22.11 12.13 -16.40
CA VAL A 362 23.41 11.56 -16.73
C VAL A 362 23.50 10.24 -16.01
N VAL A 363 23.71 9.15 -16.75
CA VAL A 363 23.77 7.82 -16.15
C VAL A 363 25.10 7.19 -16.51
N MET A 364 25.75 6.70 -15.56
CA MET A 364 27.02 6.02 -15.80
C MET A 364 26.80 4.54 -16.11
N PRO A 365 27.52 4.02 -17.09
CA PRO A 365 27.33 2.62 -17.50
C PRO A 365 27.88 1.63 -16.49
N MET A 366 27.58 0.36 -16.78
CA MET A 366 28.13 -0.80 -16.07
C MET A 366 29.07 -1.54 -17.00
N ARG A 367 30.10 -2.14 -16.42
CA ARG A 367 31.04 -2.93 -17.20
C ARG A 367 30.35 -4.16 -17.77
N LEU A 368 30.55 -4.39 -19.07
CA LEU A 368 29.93 -5.48 -19.80
C LEU A 368 30.59 -6.82 -19.46
N SER B 1 9.42 -30.92 -24.92
CA SER B 1 8.04 -31.30 -25.23
C SER B 1 7.58 -30.65 -26.53
N HIS B 2 6.42 -31.06 -27.02
CA HIS B 2 5.89 -30.56 -28.27
C HIS B 2 5.06 -29.28 -28.10
N MET B 3 4.87 -28.82 -26.86
CA MET B 3 3.88 -27.78 -26.56
C MET B 3 4.12 -26.52 -27.39
N LYS B 4 3.07 -26.05 -28.06
CA LYS B 4 3.13 -24.78 -28.78
C LYS B 4 1.75 -24.12 -28.68
N PHE B 5 1.74 -22.81 -28.50
CA PHE B 5 0.47 -22.09 -28.60
C PHE B 5 0.77 -20.63 -28.89
N THR B 6 -0.22 -19.96 -29.48
CA THR B 6 -0.22 -18.51 -29.67
C THR B 6 -1.53 -18.00 -29.10
N VAL B 7 -1.45 -17.13 -28.10
CA VAL B 7 -2.64 -16.59 -27.43
C VAL B 7 -2.50 -15.09 -27.31
N GLU B 8 -3.63 -14.38 -27.44
CA GLU B 8 -3.65 -12.95 -27.20
C GLU B 8 -3.36 -12.64 -25.73
N ARG B 9 -2.60 -11.55 -25.52
CA ARG B 9 -2.14 -11.15 -24.18
C ARG B 9 -3.25 -11.15 -23.14
N GLU B 10 -4.37 -10.49 -23.45
CA GLU B 10 -5.43 -10.30 -22.47
C GLU B 10 -6.17 -11.59 -22.15
N HIS B 11 -6.04 -12.63 -22.97
CA HIS B 11 -6.59 -13.92 -22.57
C HIS B 11 -5.72 -14.64 -21.55
N LEU B 12 -4.47 -14.20 -21.33
CA LEU B 12 -3.57 -14.82 -20.37
C LEU B 12 -3.45 -14.07 -19.05
N LEU B 13 -3.64 -12.75 -19.04
CA LEU B 13 -3.27 -11.93 -17.87
C LEU B 13 -4.04 -12.34 -16.62
N LYS B 14 -5.37 -12.29 -16.66
CA LYS B 14 -6.10 -12.69 -15.46
C LYS B 14 -5.92 -14.17 -15.12
N PRO B 15 -5.92 -15.13 -16.07
CA PRO B 15 -5.51 -16.49 -15.71
C PRO B 15 -4.16 -16.53 -15.00
N LEU B 16 -3.12 -15.87 -15.53
CA LEU B 16 -1.82 -15.93 -14.87
C LEU B 16 -1.87 -15.32 -13.47
N GLN B 17 -2.62 -14.22 -13.30
CA GLN B 17 -2.70 -13.61 -11.97
C GLN B 17 -3.42 -14.52 -10.98
N GLN B 18 -4.49 -15.17 -11.42
CA GLN B 18 -5.23 -16.08 -10.54
C GLN B 18 -4.39 -17.30 -10.16
N VAL B 19 -3.79 -17.96 -11.14
CA VAL B 19 -3.08 -19.20 -10.80
C VAL B 19 -1.78 -18.90 -10.06
N SER B 20 -1.29 -17.66 -10.11
CA SER B 20 -0.11 -17.30 -9.32
C SER B 20 -0.44 -17.00 -7.86
N GLY B 21 -1.72 -16.88 -7.51
CA GLY B 21 -2.17 -16.61 -6.16
C GLY B 21 -1.52 -17.43 -5.06
N PRO B 22 -1.52 -18.76 -5.20
CA PRO B 22 -0.96 -19.59 -4.11
C PRO B 22 0.54 -19.41 -3.91
N LEU B 23 1.24 -18.76 -4.83
CA LEU B 23 2.70 -18.66 -4.76
C LEU B 23 3.09 -17.56 -3.79
N GLY B 24 4.00 -17.87 -2.88
CA GLY B 24 4.37 -16.95 -1.82
C GLY B 24 5.64 -16.15 -2.01
N GLY B 25 6.26 -16.16 -3.20
CA GLY B 25 7.41 -15.35 -3.47
C GLY B 25 8.74 -15.95 -3.08
N ARG B 26 8.80 -16.72 -1.99
CA ARG B 26 10.00 -17.45 -1.60
C ARG B 26 9.69 -18.93 -1.51
N PRO B 27 9.53 -19.61 -2.66
CA PRO B 27 9.25 -21.05 -2.65
C PRO B 27 10.38 -21.85 -2.03
N THR B 28 10.00 -22.94 -1.37
CA THR B 28 11.00 -23.87 -0.87
C THR B 28 11.64 -24.65 -2.01
N LEU B 29 10.84 -25.11 -2.95
CA LEU B 29 11.39 -25.76 -4.14
C LEU B 29 11.26 -24.85 -5.36
N PRO B 30 12.21 -24.90 -6.28
CA PRO B 30 12.11 -24.04 -7.47
C PRO B 30 10.84 -24.31 -8.26
N ILE B 31 10.43 -25.58 -8.38
CA ILE B 31 9.25 -25.86 -9.18
C ILE B 31 8.00 -25.25 -8.55
N LEU B 32 8.01 -25.00 -7.24
CA LEU B 32 6.84 -24.37 -6.63
C LEU B 32 6.70 -22.91 -7.01
N GLY B 33 7.77 -22.28 -7.50
CA GLY B 33 7.68 -20.95 -8.06
C GLY B 33 7.30 -20.94 -9.51
N ASN B 34 7.01 -22.11 -10.08
CA ASN B 34 6.65 -22.23 -11.48
C ASN B 34 5.16 -22.51 -11.62
N LEU B 35 4.65 -22.23 -12.82
CA LEU B 35 3.32 -22.62 -13.22
C LEU B 35 3.40 -23.77 -14.20
N LEU B 36 2.52 -24.75 -14.03
CA LEU B 36 2.41 -25.83 -14.99
C LEU B 36 1.53 -25.39 -16.14
N LEU B 37 2.04 -25.51 -17.36
CA LEU B 37 1.30 -25.22 -18.59
C LEU B 37 1.03 -26.52 -19.32
N GLN B 38 -0.21 -26.73 -19.74
CA GLN B 38 -0.58 -27.94 -20.47
C GLN B 38 -1.49 -27.58 -21.63
N VAL B 39 -1.14 -28.05 -22.82
CA VAL B 39 -2.01 -27.94 -23.98
C VAL B 39 -2.52 -29.34 -24.31
N ALA B 40 -3.84 -29.48 -24.36
CA ALA B 40 -4.50 -30.70 -24.78
C ALA B 40 -5.82 -30.28 -25.39
N ASP B 41 -6.20 -30.91 -26.48
CA ASP B 41 -7.41 -30.55 -27.28
C ASP B 41 -7.22 -29.08 -27.68
N GLY B 42 -8.26 -28.25 -27.65
CA GLY B 42 -8.07 -26.84 -27.87
C GLY B 42 -8.04 -26.03 -26.59
N THR B 43 -7.38 -26.55 -25.55
CA THR B 43 -7.32 -25.89 -24.25
C THR B 43 -5.89 -25.80 -23.75
N LEU B 44 -5.52 -24.60 -23.25
CA LEU B 44 -4.35 -24.39 -22.41
C LEU B 44 -4.77 -24.34 -20.96
N SER B 45 -4.16 -25.18 -20.13
CA SER B 45 -4.39 -25.15 -18.70
C SER B 45 -3.15 -24.62 -18.00
N LEU B 46 -3.35 -23.77 -17.01
CA LEU B 46 -2.29 -23.18 -16.22
C LEU B 46 -2.58 -23.51 -14.75
N THR B 47 -1.56 -23.99 -14.04
CA THR B 47 -1.74 -24.44 -12.66
C THR B 47 -0.62 -23.89 -11.80
N GLY B 48 -1.00 -23.32 -10.66
CA GLY B 48 -0.05 -22.95 -9.63
C GLY B 48 -0.47 -23.58 -8.32
N THR B 49 0.53 -23.96 -7.51
CA THR B 49 0.25 -24.67 -6.28
C THR B 49 1.25 -24.29 -5.21
N ASP B 50 0.85 -24.48 -3.96
CA ASP B 50 1.78 -24.43 -2.83
C ASP B 50 1.76 -25.72 -2.04
N LEU B 51 1.32 -26.82 -2.66
CA LEU B 51 1.20 -28.15 -2.07
C LEU B 51 -0.03 -28.27 -1.16
N GLU B 52 -0.49 -27.18 -0.55
CA GLU B 52 -1.72 -27.26 0.24
C GLU B 52 -2.95 -26.96 -0.62
N MET B 53 -2.82 -26.05 -1.59
N MET B 53 -2.78 -26.13 -1.63
CA MET B 53 -3.91 -25.69 -2.47
CA MET B 53 -3.90 -25.78 -2.50
C MET B 53 -3.38 -25.51 -3.88
C MET B 53 -3.37 -25.57 -3.90
N GLU B 54 -4.29 -25.45 -4.84
CA GLU B 54 -3.89 -25.22 -6.22
C GLU B 54 -5.01 -24.48 -6.92
N MET B 55 -4.59 -23.63 -7.86
CA MET B 55 -5.48 -22.84 -8.69
C MET B 55 -5.21 -23.23 -10.14
N VAL B 56 -6.28 -23.54 -10.87
CA VAL B 56 -6.21 -23.94 -12.27
C VAL B 56 -7.01 -22.95 -13.11
N ALA B 57 -6.47 -22.58 -14.27
CA ALA B 57 -7.20 -21.76 -15.23
C ALA B 57 -7.17 -22.44 -16.57
N ARG B 58 -8.30 -22.40 -17.25
CA ARG B 58 -8.47 -23.01 -18.57
C ARG B 58 -8.61 -21.88 -19.58
N VAL B 59 -7.91 -22.03 -20.70
CA VAL B 59 -7.94 -21.02 -21.75
C VAL B 59 -8.18 -21.73 -23.07
N ALA B 60 -9.28 -21.38 -23.75
CA ALA B 60 -9.54 -21.97 -25.06
C ALA B 60 -8.51 -21.49 -26.07
N LEU B 61 -8.09 -22.38 -26.96
CA LEU B 61 -7.08 -22.04 -27.95
C LEU B 61 -7.72 -22.01 -29.34
N VAL B 62 -7.85 -20.81 -29.91
CA VAL B 62 -8.44 -20.66 -31.25
C VAL B 62 -7.39 -20.54 -32.33
N GLN B 63 -6.12 -20.40 -31.97
CA GLN B 63 -5.06 -20.33 -32.95
C GLN B 63 -4.30 -21.65 -32.96
N PRO B 64 -3.51 -21.90 -34.01
CA PRO B 64 -2.77 -23.18 -34.11
C PRO B 64 -1.98 -23.48 -32.85
N HIS B 65 -1.96 -24.77 -32.49
CA HIS B 65 -1.32 -25.22 -31.26
C HIS B 65 -0.88 -26.66 -31.43
N GLU B 66 0.00 -27.09 -30.53
CA GLU B 66 0.52 -28.45 -30.46
C GLU B 66 0.51 -28.85 -28.99
N PRO B 67 0.10 -30.08 -28.69
CA PRO B 67 -0.01 -30.50 -27.28
C PRO B 67 1.35 -30.71 -26.62
N GLY B 68 1.31 -30.68 -25.30
CA GLY B 68 2.53 -30.85 -24.52
C GLY B 68 2.38 -30.15 -23.19
N ALA B 69 3.47 -30.18 -22.42
CA ALA B 69 3.41 -29.56 -21.10
C ALA B 69 4.81 -29.20 -20.65
N THR B 70 4.88 -28.17 -19.80
CA THR B 70 6.13 -27.79 -19.18
C THR B 70 5.76 -26.96 -17.95
N THR B 71 6.77 -26.57 -17.17
CA THR B 71 6.55 -25.61 -16.10
C THR B 71 7.48 -24.43 -16.30
N VAL B 72 6.98 -23.24 -15.99
CA VAL B 72 7.69 -22.00 -16.30
C VAL B 72 7.62 -21.09 -15.09
N PRO B 73 8.69 -20.30 -14.85
CA PRO B 73 8.66 -19.32 -13.74
C PRO B 73 7.48 -18.40 -13.79
N ALA B 74 6.68 -18.34 -12.71
CA ALA B 74 5.40 -17.63 -12.72
C ALA B 74 5.57 -16.13 -12.83
N ARG B 75 6.32 -15.55 -11.94
CA ARG B 75 6.52 -14.14 -11.92
C ARG B 75 7.11 -13.61 -13.22
N LYS B 76 8.11 -14.30 -13.73
CA LYS B 76 8.74 -13.87 -14.98
C LYS B 76 7.77 -13.93 -16.14
N PHE B 77 7.07 -15.06 -16.28
CA PHE B 77 6.15 -15.22 -17.39
C PHE B 77 4.98 -14.24 -17.30
N PHE B 78 4.42 -14.07 -16.10
CA PHE B 78 3.39 -13.06 -15.93
C PHE B 78 3.91 -11.68 -16.31
N ASP B 79 5.09 -11.31 -15.80
CA ASP B 79 5.61 -9.97 -16.04
C ASP B 79 5.87 -9.73 -17.52
N ILE B 80 6.31 -10.76 -18.24
CA ILE B 80 6.53 -10.63 -19.68
C ILE B 80 5.20 -10.37 -20.38
N CYS B 81 4.18 -11.17 -20.07
N CYS B 81 4.19 -11.18 -20.07
CA CYS B 81 2.88 -10.97 -20.69
CA CYS B 81 2.87 -10.99 -20.67
C CYS B 81 2.32 -9.59 -20.36
C CYS B 81 2.31 -9.60 -20.36
N ARG B 82 2.49 -9.17 -19.12
CA ARG B 82 1.87 -7.89 -18.78
C ARG B 82 2.60 -6.73 -19.42
N GLY B 83 3.91 -6.88 -19.57
CA GLY B 83 4.73 -5.84 -20.17
C GLY B 83 4.62 -5.71 -21.67
N LEU B 84 4.01 -6.68 -22.35
CA LEU B 84 3.82 -6.53 -23.77
C LEU B 84 2.64 -5.59 -24.03
N PRO B 85 2.62 -4.95 -25.21
CA PRO B 85 1.57 -3.96 -25.50
C PRO B 85 0.20 -4.60 -25.59
N GLU B 86 -0.82 -3.75 -25.42
CA GLU B 86 -2.20 -4.18 -25.53
C GLU B 86 -2.47 -4.87 -26.86
N GLY B 87 -3.17 -6.00 -26.81
CA GLY B 87 -3.50 -6.74 -28.01
C GLY B 87 -2.37 -7.59 -28.58
N ALA B 88 -1.21 -7.65 -27.92
CA ALA B 88 -0.08 -8.42 -28.42
C ALA B 88 -0.41 -9.91 -28.51
N GLU B 89 0.03 -10.53 -29.60
CA GLU B 89 -0.07 -11.98 -29.74
C GLU B 89 1.20 -12.62 -29.19
N ILE B 90 1.04 -13.59 -28.32
CA ILE B 90 2.15 -14.20 -27.58
C ILE B 90 2.32 -15.63 -28.07
N ALA B 91 3.41 -15.90 -28.80
CA ALA B 91 3.71 -17.23 -29.32
C ALA B 91 4.67 -17.95 -28.40
N VAL B 92 4.34 -19.19 -28.04
CA VAL B 92 5.09 -19.97 -27.07
C VAL B 92 5.44 -21.31 -27.70
N GLN B 93 6.70 -21.72 -27.55
CA GLN B 93 7.12 -23.06 -27.95
C GLN B 93 8.30 -23.49 -27.09
N LEU B 94 8.57 -24.78 -27.10
CA LEU B 94 9.66 -25.34 -26.31
C LEU B 94 10.85 -25.66 -27.19
N GLU B 95 12.05 -25.38 -26.69
CA GLU B 95 13.31 -25.73 -27.33
C GLU B 95 14.18 -26.36 -26.24
N GLY B 96 14.15 -27.69 -26.14
CA GLY B 96 14.87 -28.39 -25.09
C GLY B 96 14.33 -28.08 -23.71
N GLU B 97 15.20 -27.60 -22.82
CA GLU B 97 14.82 -27.19 -21.47
C GLU B 97 14.51 -25.70 -21.39
N ARG B 98 14.26 -25.05 -22.52
CA ARG B 98 13.94 -23.63 -22.53
C ARG B 98 12.59 -23.43 -23.19
N MET B 99 11.83 -22.47 -22.66
N MET B 99 11.86 -22.42 -22.71
CA MET B 99 10.62 -22.01 -23.31
CA MET B 99 10.58 -22.02 -23.31
C MET B 99 10.95 -20.72 -24.04
C MET B 99 10.76 -20.67 -23.99
N LEU B 100 10.53 -20.65 -25.31
CA LEU B 100 10.70 -19.45 -26.12
C LEU B 100 9.36 -18.73 -26.20
N VAL B 101 9.35 -17.46 -25.81
CA VAL B 101 8.19 -16.59 -25.91
C VAL B 101 8.54 -15.49 -26.88
N ARG B 102 7.72 -15.33 -27.93
CA ARG B 102 7.97 -14.33 -28.95
C ARG B 102 6.70 -13.53 -29.20
N SER B 103 6.86 -12.22 -29.32
CA SER B 103 5.74 -11.31 -29.60
C SER B 103 6.32 -10.05 -30.22
N GLY B 104 5.83 -9.69 -31.40
CA GLY B 104 6.34 -8.50 -32.08
C GLY B 104 7.84 -8.59 -32.30
N ARG B 105 8.58 -7.62 -31.76
CA ARG B 105 10.04 -7.65 -31.84
C ARG B 105 10.67 -8.04 -30.52
N SER B 106 9.95 -8.75 -29.66
CA SER B 106 10.43 -9.16 -28.37
C SER B 106 10.60 -10.68 -28.34
N ARG B 107 11.68 -11.15 -27.72
CA ARG B 107 11.99 -12.57 -27.63
C ARG B 107 12.51 -12.89 -26.24
N PHE B 108 12.05 -13.99 -25.65
CA PHE B 108 12.47 -14.38 -24.32
C PHE B 108 12.71 -15.87 -24.25
N SER B 109 13.77 -16.25 -23.55
CA SER B 109 14.09 -17.65 -23.30
C SER B 109 14.01 -17.87 -21.80
N LEU B 110 13.07 -18.69 -21.35
CA LEU B 110 12.89 -18.98 -19.93
C LEU B 110 13.29 -20.42 -19.62
N SER B 111 13.84 -20.62 -18.44
CA SER B 111 14.22 -21.96 -18.03
C SER B 111 13.01 -22.70 -17.49
N THR B 112 12.91 -23.98 -17.82
CA THR B 112 11.75 -24.79 -17.45
C THR B 112 12.18 -25.92 -16.53
N LEU B 113 11.18 -26.54 -15.89
CA LEU B 113 11.34 -27.79 -15.18
C LEU B 113 10.26 -28.74 -15.71
N PRO B 114 10.54 -30.04 -15.79
CA PRO B 114 9.61 -30.95 -16.47
C PRO B 114 8.22 -30.98 -15.87
N ALA B 115 7.20 -31.06 -16.75
CA ALA B 115 5.83 -31.15 -16.27
C ALA B 115 5.59 -32.41 -15.45
N ALA B 116 6.31 -33.49 -15.76
CA ALA B 116 6.13 -34.72 -15.00
C ALA B 116 6.51 -34.53 -13.54
N ASP B 117 7.28 -33.49 -13.22
CA ASP B 117 7.70 -33.20 -11.85
C ASP B 117 6.69 -32.34 -11.09
N PHE B 118 5.59 -31.88 -11.74
CA PHE B 118 4.71 -30.94 -11.05
C PHE B 118 3.75 -31.69 -10.11
N PRO B 119 3.54 -31.19 -8.89
CA PRO B 119 2.62 -31.87 -7.96
C PRO B 119 1.18 -31.88 -8.45
N ASN B 120 0.43 -32.89 -7.99
CA ASN B 120 -0.96 -33.08 -8.39
C ASN B 120 -1.83 -33.25 -7.14
N LEU B 121 -2.87 -32.43 -7.04
CA LEU B 121 -3.75 -32.39 -5.88
C LEU B 121 -5.23 -32.56 -6.27
N ASP B 122 -5.48 -33.22 -7.39
CA ASP B 122 -6.83 -33.33 -7.93
C ASP B 122 -7.44 -34.72 -7.79
N ASP B 123 -6.70 -35.69 -7.27
CA ASP B 123 -7.11 -37.10 -7.26
C ASP B 123 -7.86 -37.42 -5.97
N TRP B 124 -9.14 -37.07 -5.96
CA TRP B 124 -10.00 -37.33 -4.81
C TRP B 124 -11.45 -37.37 -5.28
N GLN B 125 -12.34 -37.77 -4.37
CA GLN B 125 -13.74 -37.99 -4.70
C GLN B 125 -14.66 -37.01 -3.98
N SER B 126 -15.59 -36.47 -4.74
CA SER B 126 -16.60 -35.56 -4.22
C SER B 126 -17.66 -36.31 -3.42
N GLU B 127 -18.00 -35.79 -2.24
CA GLU B 127 -19.06 -36.38 -1.42
C GLU B 127 -20.25 -35.45 -1.15
N VAL B 128 -20.10 -34.13 -1.28
CA VAL B 128 -21.17 -33.15 -1.19
C VAL B 128 -20.95 -32.15 -2.32
N GLU B 129 -22.01 -31.79 -3.05
CA GLU B 129 -21.89 -30.86 -4.15
C GLU B 129 -23.08 -29.91 -4.18
N PHE B 130 -22.81 -28.66 -4.57
CA PHE B 130 -23.89 -27.69 -4.71
C PHE B 130 -23.37 -26.50 -5.50
N THR B 131 -24.30 -25.68 -5.95
CA THR B 131 -24.04 -24.48 -6.74
C THR B 131 -24.64 -23.29 -6.02
N LEU B 132 -23.99 -22.13 -6.13
CA LEU B 132 -24.49 -20.91 -5.53
C LEU B 132 -23.87 -19.72 -6.26
N PRO B 133 -24.50 -18.55 -6.21
CA PRO B 133 -23.90 -17.39 -6.87
C PRO B 133 -22.58 -17.05 -6.20
N GLN B 134 -21.59 -16.65 -7.00
CA GLN B 134 -20.28 -16.38 -6.40
C GLN B 134 -20.36 -15.23 -5.41
N ALA B 135 -21.25 -14.26 -5.63
CA ALA B 135 -21.42 -13.16 -4.68
C ALA B 135 -21.85 -13.67 -3.33
N THR B 136 -22.69 -14.71 -3.31
CA THR B 136 -23.15 -15.29 -2.04
C THR B 136 -21.99 -15.95 -1.32
N MET B 137 -21.15 -16.68 -2.05
CA MET B 137 -20.00 -17.31 -1.40
C MET B 137 -19.01 -16.23 -0.93
N LYS B 138 -18.84 -15.16 -1.72
CA LYS B 138 -17.94 -14.08 -1.29
C LYS B 138 -18.45 -13.42 0.00
N ARG B 139 -19.75 -13.22 0.10
CA ARG B 139 -20.32 -12.64 1.28
C ARG B 139 -20.11 -13.52 2.50
N LEU B 140 -20.38 -14.81 2.32
CA LEU B 140 -20.18 -15.75 3.43
C LEU B 140 -18.76 -15.66 4.01
N ILE B 141 -17.77 -15.56 3.13
CA ILE B 141 -16.38 -15.53 3.59
C ILE B 141 -16.04 -14.17 4.19
N GLU B 142 -16.41 -13.07 3.52
CA GLU B 142 -16.14 -11.75 4.08
C GLU B 142 -16.84 -11.53 5.41
N ALA B 143 -17.99 -12.03 5.57
CA ALA B 143 -18.72 -11.80 6.80
C ALA B 143 -18.03 -12.41 8.02
N THR B 144 -17.17 -13.41 7.82
CA THR B 144 -16.60 -14.18 8.92
C THR B 144 -15.09 -14.29 8.93
N GLN B 145 -14.38 -14.03 7.83
CA GLN B 145 -12.96 -14.40 7.77
C GLN B 145 -12.12 -13.70 8.83
N PHE B 146 -12.48 -12.48 9.22
CA PHE B 146 -11.67 -11.73 10.19
C PHE B 146 -11.63 -12.41 11.55
N SER B 147 -12.55 -13.33 11.85
CA SER B 147 -12.53 -14.00 13.15
C SER B 147 -11.72 -15.29 13.17
N MET B 148 -11.13 -15.71 12.05
CA MET B 148 -10.25 -16.85 12.06
C MET B 148 -9.03 -16.56 12.91
N ALA B 149 -8.53 -17.60 13.59
CA ALA B 149 -7.27 -17.44 14.30
C ALA B 149 -6.13 -17.34 13.29
N HIS B 150 -5.03 -16.75 13.77
N HIS B 150 -5.01 -16.79 13.75
CA HIS B 150 -3.77 -16.65 13.04
CA HIS B 150 -3.80 -16.70 12.95
C HIS B 150 -2.74 -17.44 13.83
C HIS B 150 -2.68 -17.36 13.74
N GLN B 151 -2.20 -18.49 13.23
CA GLN B 151 -1.08 -19.25 13.81
C GLN B 151 -1.33 -19.70 15.26
N ASP B 152 -2.59 -19.94 15.64
CA ASP B 152 -2.88 -20.51 16.95
C ASP B 152 -2.31 -21.93 16.99
N VAL B 153 -1.89 -22.36 18.19
CA VAL B 153 -1.42 -23.75 18.32
C VAL B 153 -2.57 -24.73 18.12
N ARG B 154 -3.80 -24.31 18.41
CA ARG B 154 -5.00 -25.06 18.05
C ARG B 154 -5.19 -24.86 16.55
N TYR B 155 -4.48 -25.69 15.77
CA TYR B 155 -4.35 -25.47 14.34
C TYR B 155 -5.70 -25.47 13.63
N TYR B 156 -6.69 -26.18 14.19
CA TYR B 156 -8.01 -26.26 13.55
C TYR B 156 -8.79 -24.95 13.61
N LEU B 157 -8.32 -23.96 14.37
CA LEU B 157 -8.94 -22.64 14.35
C LEU B 157 -8.34 -21.71 13.31
N ASN B 158 -7.19 -22.07 12.75
CA ASN B 158 -6.53 -21.27 11.71
C ASN B 158 -7.18 -21.57 10.36
N GLY B 159 -8.48 -21.30 10.29
CA GLY B 159 -9.26 -21.69 9.14
C GLY B 159 -10.72 -21.39 9.39
N MET B 160 -11.54 -21.87 8.47
CA MET B 160 -12.96 -21.60 8.46
C MET B 160 -13.83 -22.84 8.31
N LEU B 161 -14.82 -22.97 9.16
CA LEU B 161 -15.74 -24.10 9.03
C LEU B 161 -16.72 -23.79 7.92
N PHE B 162 -16.90 -24.72 6.99
CA PHE B 162 -17.98 -24.66 6.01
C PHE B 162 -18.95 -25.78 6.34
N GLU B 163 -20.21 -25.43 6.59
CA GLU B 163 -21.17 -26.38 7.10
C GLU B 163 -22.44 -26.31 6.29
N THR B 164 -22.97 -27.47 5.91
CA THR B 164 -24.18 -27.56 5.12
C THR B 164 -25.28 -28.16 6.01
N GLU B 165 -26.48 -27.59 5.93
CA GLU B 165 -27.61 -28.10 6.71
C GLU B 165 -28.89 -27.64 6.02
N GLY B 166 -29.82 -28.58 5.81
CA GLY B 166 -31.04 -28.24 5.11
C GLY B 166 -30.73 -27.75 3.70
N GLU B 167 -31.10 -26.52 3.40
CA GLU B 167 -30.73 -25.87 2.14
C GLU B 167 -29.79 -24.68 2.36
N GLU B 168 -29.09 -24.67 3.49
CA GLU B 168 -28.22 -23.58 3.91
C GLU B 168 -26.74 -23.97 3.83
N LEU B 169 -25.92 -23.01 3.45
CA LEU B 169 -24.47 -23.09 3.62
C LEU B 169 -24.08 -22.07 4.67
N ARG B 170 -23.24 -22.48 5.60
CA ARG B 170 -22.84 -21.65 6.72
C ARG B 170 -21.33 -21.62 6.82
N THR B 171 -20.77 -20.44 7.10
CA THR B 171 -19.36 -20.33 7.46
C THR B 171 -19.25 -19.95 8.93
N VAL B 172 -18.25 -20.50 9.61
CA VAL B 172 -17.98 -20.20 11.00
C VAL B 172 -16.48 -19.98 11.17
N ALA B 173 -16.11 -18.96 11.95
CA ALA B 173 -14.72 -18.67 12.22
C ALA B 173 -14.59 -18.20 13.66
N THR B 174 -13.55 -18.67 14.35
CA THR B 174 -13.36 -18.28 15.74
C THR B 174 -11.88 -18.39 16.10
N ASP B 175 -11.45 -17.53 17.01
CA ASP B 175 -10.10 -17.61 17.54
C ASP B 175 -10.13 -17.93 19.03
N GLY B 176 -11.28 -18.40 19.54
CA GLY B 176 -11.42 -18.72 20.94
C GLY B 176 -11.84 -17.56 21.82
N HIS B 177 -11.83 -16.34 21.31
CA HIS B 177 -12.25 -15.14 22.02
C HIS B 177 -13.48 -14.51 21.41
N ARG B 178 -13.59 -14.57 20.09
CA ARG B 178 -14.77 -14.08 19.40
C ARG B 178 -15.05 -15.04 18.26
N LEU B 179 -16.30 -15.02 17.80
CA LEU B 179 -16.76 -15.94 16.77
C LEU B 179 -17.63 -15.19 15.79
N ALA B 180 -17.61 -15.64 14.54
CA ALA B 180 -18.48 -15.11 13.51
C ALA B 180 -19.14 -16.28 12.80
N VAL B 181 -20.44 -16.16 12.53
CA VAL B 181 -21.16 -17.19 11.78
C VAL B 181 -22.09 -16.51 10.79
N CYS B 182 -22.12 -17.02 9.56
CA CYS B 182 -22.96 -16.43 8.52
C CYS B 182 -23.60 -17.59 7.78
N SER B 183 -24.91 -17.48 7.52
CA SER B 183 -25.70 -18.54 6.90
C SER B 183 -26.48 -17.98 5.71
N MET B 184 -26.48 -18.73 4.59
CA MET B 184 -27.17 -18.27 3.37
C MET B 184 -27.94 -19.45 2.79
N PRO B 185 -29.21 -19.26 2.41
CA PRO B 185 -29.95 -20.34 1.76
C PRO B 185 -29.55 -20.41 0.30
N ILE B 186 -29.41 -21.63 -0.20
CA ILE B 186 -28.99 -21.81 -1.58
C ILE B 186 -29.98 -22.65 -2.39
N GLY B 187 -31.12 -22.99 -1.80
CA GLY B 187 -32.20 -23.59 -2.58
C GLY B 187 -31.95 -25.00 -3.08
N GLN B 188 -31.09 -25.76 -2.42
CA GLN B 188 -30.78 -27.15 -2.77
C GLN B 188 -30.74 -27.91 -1.46
N SER B 189 -31.38 -29.07 -1.41
CA SER B 189 -31.36 -29.89 -0.20
C SER B 189 -29.99 -30.51 -0.01
N LEU B 190 -29.37 -30.26 1.15
CA LEU B 190 -28.00 -30.72 1.36
C LEU B 190 -27.92 -31.67 2.55
N PRO B 191 -26.97 -32.60 2.53
CA PRO B 191 -26.71 -33.40 3.74
C PRO B 191 -26.07 -32.54 4.81
N SER B 192 -26.19 -33.00 6.05
CA SER B 192 -25.53 -32.34 7.18
C SER B 192 -24.06 -32.72 7.19
N HIS B 193 -23.19 -31.72 7.06
CA HIS B 193 -21.78 -31.96 6.81
C HIS B 193 -21.02 -30.71 7.20
N SER B 194 -19.78 -30.86 7.67
CA SER B 194 -18.94 -29.70 7.91
C SER B 194 -17.47 -30.08 7.76
N VAL B 195 -16.70 -29.14 7.21
CA VAL B 195 -15.26 -29.30 6.97
C VAL B 195 -14.59 -27.99 7.32
N ILE B 196 -13.28 -28.07 7.58
CA ILE B 196 -12.46 -26.88 7.87
C ILE B 196 -11.56 -26.60 6.68
N VAL B 197 -11.66 -25.38 6.13
CA VAL B 197 -10.81 -24.92 5.05
C VAL B 197 -9.68 -24.09 5.66
N PRO B 198 -8.41 -24.36 5.33
CA PRO B 198 -7.31 -23.57 5.91
C PRO B 198 -7.43 -22.10 5.56
N ARG B 199 -6.91 -21.24 6.44
N ARG B 199 -6.98 -21.25 6.49
CA ARG B 199 -7.09 -19.79 6.26
CA ARG B 199 -6.94 -19.80 6.34
C ARG B 199 -6.53 -19.29 4.92
C ARG B 199 -6.55 -19.36 4.93
N LYS B 200 -5.36 -19.78 4.51
CA LYS B 200 -4.81 -19.32 3.23
C LYS B 200 -5.71 -19.72 2.07
N GLY B 201 -6.28 -20.92 2.13
CA GLY B 201 -7.22 -21.31 1.09
C GLY B 201 -8.48 -20.47 1.10
N VAL B 202 -8.96 -20.11 2.29
CA VAL B 202 -10.14 -19.26 2.39
C VAL B 202 -9.87 -17.91 1.73
N ILE B 203 -8.74 -17.30 2.09
CA ILE B 203 -8.39 -15.98 1.55
C ILE B 203 -8.26 -16.05 0.04
N GLU B 204 -7.64 -17.12 -0.45
CA GLU B 204 -7.46 -17.23 -1.89
C GLU B 204 -8.78 -17.50 -2.59
N LEU B 205 -9.67 -18.28 -1.99
CA LEU B 205 -10.97 -18.47 -2.60
C LEU B 205 -11.71 -17.14 -2.73
N MET B 206 -11.70 -16.36 -1.64
CA MET B 206 -12.33 -15.05 -1.65
C MET B 206 -11.81 -14.20 -2.80
N ARG B 207 -10.48 -14.21 -3.00
CA ARG B 207 -9.86 -13.41 -4.04
C ARG B 207 -10.13 -13.94 -5.45
N MET B 208 -10.59 -15.18 -5.58
CA MET B 208 -10.96 -15.68 -6.90
C MET B 208 -12.35 -15.25 -7.33
N LEU B 209 -13.12 -14.68 -6.41
CA LEU B 209 -14.52 -14.34 -6.62
C LEU B 209 -14.72 -12.83 -6.69
N ASP B 210 -15.66 -12.42 -7.51
CA ASP B 210 -16.10 -11.04 -7.52
C ASP B 210 -17.54 -10.99 -7.02
N GLY B 211 -18.20 -9.85 -7.22
CA GLY B 211 -19.55 -9.69 -6.71
C GLY B 211 -20.62 -10.04 -7.72
N GLY B 212 -20.26 -10.79 -8.78
CA GLY B 212 -21.26 -11.18 -9.75
C GLY B 212 -22.14 -12.30 -9.24
N ASP B 213 -23.19 -12.59 -10.00
CA ASP B 213 -24.07 -13.71 -9.70
C ASP B 213 -23.67 -15.01 -10.41
N ASN B 214 -22.54 -15.02 -11.11
CA ASN B 214 -22.13 -16.19 -11.90
C ASN B 214 -22.03 -17.41 -11.00
N PRO B 215 -22.49 -18.58 -11.45
CA PRO B 215 -22.57 -19.70 -10.53
C PRO B 215 -21.20 -20.25 -10.18
N LEU B 216 -21.05 -20.58 -8.91
CA LEU B 216 -19.87 -21.24 -8.38
C LEU B 216 -20.34 -22.63 -8.00
N ARG B 217 -19.68 -23.65 -8.54
CA ARG B 217 -19.97 -25.04 -8.20
C ARG B 217 -18.96 -25.48 -7.16
N VAL B 218 -19.44 -25.93 -6.01
CA VAL B 218 -18.58 -26.37 -4.92
C VAL B 218 -18.69 -27.89 -4.82
N GLN B 219 -17.55 -28.55 -4.68
CA GLN B 219 -17.50 -29.97 -4.37
C GLN B 219 -16.65 -30.18 -3.12
N ILE B 220 -17.19 -30.92 -2.16
CA ILE B 220 -16.50 -31.21 -0.91
C ILE B 220 -16.24 -32.71 -0.87
N GLY B 221 -14.97 -33.09 -0.75
CA GLY B 221 -14.58 -34.47 -0.58
C GLY B 221 -14.23 -34.78 0.86
N SER B 222 -13.68 -35.99 1.06
CA SER B 222 -13.28 -36.37 2.42
C SER B 222 -12.13 -35.50 2.92
N ASN B 223 -11.20 -35.14 2.02
CA ASN B 223 -10.02 -34.38 2.43
C ASN B 223 -9.72 -33.16 1.57
N ASN B 224 -10.62 -32.78 0.66
CA ASN B 224 -10.39 -31.61 -0.18
C ASN B 224 -11.70 -30.89 -0.44
N ILE B 225 -11.57 -29.64 -0.89
CA ILE B 225 -12.69 -28.84 -1.35
C ILE B 225 -12.30 -28.22 -2.69
N ARG B 226 -13.26 -28.14 -3.60
CA ARG B 226 -13.05 -27.61 -4.93
C ARG B 226 -14.17 -26.62 -5.25
N ALA B 227 -13.78 -25.50 -5.86
CA ALA B 227 -14.71 -24.44 -6.26
C ALA B 227 -14.42 -24.11 -7.72
N HIS B 228 -15.44 -24.22 -8.55
CA HIS B 228 -15.32 -23.94 -9.98
C HIS B 228 -16.19 -22.73 -10.32
N VAL B 229 -15.59 -21.69 -10.89
CA VAL B 229 -16.38 -20.56 -11.39
C VAL B 229 -15.76 -20.08 -12.69
N GLY B 230 -16.58 -19.94 -13.72
CA GLY B 230 -16.05 -19.57 -15.02
C GLY B 230 -15.01 -20.58 -15.46
N ASP B 231 -13.85 -20.08 -15.83
CA ASP B 231 -12.78 -20.96 -16.30
C ASP B 231 -11.70 -21.18 -15.26
N PHE B 232 -12.03 -21.01 -13.99
CA PHE B 232 -11.07 -21.18 -12.91
C PHE B 232 -11.54 -22.29 -11.98
N ILE B 233 -10.61 -23.11 -11.51
CA ILE B 233 -10.90 -24.16 -10.53
C ILE B 233 -9.91 -24.02 -9.39
N PHE B 234 -10.45 -23.81 -8.18
CA PHE B 234 -9.68 -23.73 -6.94
C PHE B 234 -9.86 -25.02 -6.16
N THR B 235 -8.74 -25.61 -5.72
CA THR B 235 -8.81 -26.81 -4.88
C THR B 235 -7.89 -26.62 -3.68
N SER B 236 -8.39 -27.00 -2.51
CA SER B 236 -7.60 -26.94 -1.28
C SER B 236 -7.79 -28.23 -0.47
N LYS B 237 -6.70 -28.68 0.16
CA LYS B 237 -6.72 -29.71 1.18
C LYS B 237 -7.59 -29.17 2.32
N LEU B 238 -8.31 -30.05 3.00
CA LEU B 238 -9.07 -29.64 4.17
C LEU B 238 -8.20 -29.78 5.41
N VAL B 239 -8.56 -29.06 6.47
CA VAL B 239 -7.81 -29.20 7.72
C VAL B 239 -8.25 -30.47 8.43
N ASP B 240 -7.28 -31.34 8.75
CA ASP B 240 -7.58 -32.58 9.47
C ASP B 240 -7.58 -32.31 10.97
N GLY B 241 -8.70 -31.79 11.44
CA GLY B 241 -8.90 -31.49 12.84
C GLY B 241 -10.39 -31.37 13.10
N ARG B 242 -10.73 -31.27 14.39
CA ARG B 242 -12.12 -31.12 14.80
C ARG B 242 -12.39 -29.67 15.18
N PHE B 243 -13.42 -29.08 14.61
CA PHE B 243 -13.78 -27.72 14.92
C PHE B 243 -14.59 -27.69 16.21
N PRO B 244 -14.51 -26.62 17.00
CA PRO B 244 -15.32 -26.56 18.23
C PRO B 244 -16.80 -26.63 17.92
N ASP B 245 -17.57 -27.08 18.91
CA ASP B 245 -19.03 -27.21 18.75
C ASP B 245 -19.58 -25.81 19.01
N TYR B 246 -19.54 -24.99 17.96
CA TYR B 246 -19.83 -23.57 18.10
C TYR B 246 -21.26 -23.31 18.54
N ARG B 247 -22.21 -24.21 18.22
CA ARG B 247 -23.58 -23.97 18.66
C ARG B 247 -23.69 -23.85 20.17
N ARG B 248 -22.75 -24.43 20.89
CA ARG B 248 -22.79 -24.43 22.35
C ARG B 248 -22.15 -23.19 22.96
N VAL B 249 -21.61 -22.28 22.15
CA VAL B 249 -21.10 -21.03 22.69
C VAL B 249 -22.01 -19.85 22.41
N LEU B 250 -23.06 -20.03 21.61
CA LEU B 250 -24.04 -18.96 21.37
C LEU B 250 -24.88 -18.72 22.63
N PRO B 251 -25.03 -17.47 23.06
CA PRO B 251 -25.88 -17.19 24.23
C PRO B 251 -27.27 -17.78 24.03
N LYS B 252 -27.79 -18.42 25.07
CA LYS B 252 -29.03 -19.17 24.95
C LYS B 252 -30.28 -18.31 25.14
N ASN B 253 -30.33 -17.48 26.18
CA ASN B 253 -31.46 -16.59 26.39
C ASN B 253 -30.95 -15.22 26.80
N PRO B 254 -30.62 -14.36 25.83
CA PRO B 254 -30.21 -12.98 26.15
C PRO B 254 -31.44 -12.13 26.48
N ASP B 255 -31.49 -11.64 27.71
CA ASP B 255 -32.63 -10.88 28.20
C ASP B 255 -32.47 -9.38 27.96
N LYS B 256 -31.36 -8.92 27.38
CA LYS B 256 -31.13 -7.50 27.16
C LYS B 256 -30.82 -7.28 25.69
N HIS B 257 -31.60 -6.42 25.04
CA HIS B 257 -31.42 -6.12 23.62
C HIS B 257 -31.21 -4.63 23.45
N LEU B 258 -30.13 -4.28 22.76
CA LEU B 258 -29.82 -2.89 22.48
C LEU B 258 -29.78 -2.72 20.96
N GLU B 259 -30.40 -1.67 20.45
CA GLU B 259 -30.32 -1.35 19.03
C GLU B 259 -29.82 0.07 18.84
N ALA B 260 -28.93 0.25 17.86
CA ALA B 260 -28.31 1.56 17.61
C ALA B 260 -27.92 1.66 16.14
N GLY B 261 -27.73 2.89 15.67
CA GLY B 261 -27.23 3.07 14.31
C GLY B 261 -25.82 2.53 14.22
N CYS B 262 -25.54 1.78 13.14
CA CYS B 262 -24.23 1.14 13.02
C CYS B 262 -23.12 2.19 12.89
N ASP B 263 -23.33 3.24 12.09
CA ASP B 263 -22.29 4.24 11.88
C ASP B 263 -21.98 5.01 13.15
N LEU B 264 -23.02 5.49 13.85
CA LEU B 264 -22.80 6.21 15.10
C LEU B 264 -22.10 5.34 16.12
N LEU B 265 -22.50 4.07 16.23
CA LEU B 265 -21.88 3.17 17.19
C LEU B 265 -20.44 2.89 16.80
N LYS B 266 -20.19 2.63 15.52
CA LYS B 266 -18.82 2.36 15.06
C LYS B 266 -17.91 3.56 15.29
N GLN B 267 -18.40 4.76 14.99
CA GLN B 267 -17.60 5.97 15.14
C GLN B 267 -17.30 6.22 16.60
N ALA B 268 -18.27 5.95 17.48
CA ALA B 268 -18.03 6.14 18.90
C ALA B 268 -16.98 5.16 19.43
N PHE B 269 -17.09 3.88 19.06
CA PHE B 269 -16.08 2.91 19.48
C PHE B 269 -14.72 3.24 18.90
N ALA B 270 -14.68 3.74 17.65
CA ALA B 270 -13.40 4.06 17.01
C ALA B 270 -12.71 5.23 17.71
N ARG B 271 -13.48 6.23 18.17
CA ARG B 271 -12.87 7.33 18.92
C ARG B 271 -12.43 6.89 20.32
N ALA B 272 -13.29 6.14 21.04
CA ALA B 272 -12.87 5.65 22.35
C ALA B 272 -11.60 4.84 22.26
N ALA B 273 -11.44 4.06 21.19
CA ALA B 273 -10.29 3.17 21.03
C ALA B 273 -8.96 3.92 21.09
N ILE B 274 -8.97 5.19 20.66
CA ILE B 274 -7.74 5.98 20.57
C ILE B 274 -7.08 6.07 21.93
N LEU B 275 -7.88 6.17 23.00
CA LEU B 275 -7.33 6.28 24.33
C LEU B 275 -7.44 4.99 25.12
N SER B 276 -7.56 3.86 24.43
CA SER B 276 -7.49 2.57 25.12
C SER B 276 -6.04 2.09 25.20
N ASN B 277 -5.82 1.11 26.08
CA ASN B 277 -4.52 0.47 26.21
C ASN B 277 -4.13 -0.15 24.88
N GLU B 278 -2.94 0.22 24.37
CA GLU B 278 -2.56 -0.20 23.03
C GLU B 278 -2.47 -1.71 22.88
N LYS B 279 -2.19 -2.42 23.98
CA LYS B 279 -2.03 -3.87 23.88
C LYS B 279 -3.33 -4.61 24.19
N PHE B 280 -4.07 -4.17 25.20
CA PHE B 280 -5.26 -4.91 25.63
C PHE B 280 -6.58 -4.31 25.15
N ARG B 281 -6.56 -3.05 24.71
CA ARG B 281 -7.65 -2.44 23.94
C ARG B 281 -8.98 -2.48 24.68
N GLY B 282 -8.96 -2.51 26.02
CA GLY B 282 -10.20 -2.66 26.76
C GLY B 282 -10.98 -1.36 26.82
N VAL B 283 -12.29 -1.46 26.61
CA VAL B 283 -13.23 -0.35 26.79
C VAL B 283 -14.37 -0.82 27.69
N ARG B 284 -14.99 0.15 28.39
CA ARG B 284 -16.15 -0.11 29.24
C ARG B 284 -17.42 0.38 28.56
N LEU B 285 -18.45 -0.45 28.60
CA LEU B 285 -19.78 -0.07 28.14
C LEU B 285 -20.71 0.02 29.33
N TYR B 286 -21.41 1.13 29.45
CA TYR B 286 -22.45 1.30 30.45
C TYR B 286 -23.77 1.46 29.73
N VAL B 287 -24.72 0.56 30.01
CA VAL B 287 -26.03 0.64 29.38
C VAL B 287 -27.07 0.94 30.45
N SER B 288 -28.02 1.78 30.07
CA SER B 288 -29.18 2.11 30.87
C SER B 288 -30.25 2.55 29.89
N GLU B 289 -31.42 2.91 30.42
CA GLU B 289 -32.58 3.19 29.58
C GLU B 289 -32.24 4.11 28.41
N ASN B 290 -32.25 3.53 27.21
CA ASN B 290 -32.04 4.25 25.95
C ASN B 290 -30.75 5.06 25.94
N GLN B 291 -29.71 4.56 26.62
CA GLN B 291 -28.44 5.26 26.62
C GLN B 291 -27.29 4.28 26.72
N LEU B 292 -26.23 4.57 25.97
CA LEU B 292 -24.99 3.81 26.06
C LEU B 292 -23.87 4.80 26.32
N LYS B 293 -23.04 4.51 27.32
CA LYS B 293 -21.84 5.28 27.60
C LYS B 293 -20.64 4.37 27.38
N ILE B 294 -19.69 4.83 26.59
CA ILE B 294 -18.45 4.08 26.32
C ILE B 294 -17.31 4.87 26.94
N THR B 295 -16.48 4.21 27.74
CA THR B 295 -15.29 4.88 28.25
C THR B 295 -14.06 4.05 27.94
N ALA B 296 -12.93 4.75 27.83
CA ALA B 296 -11.62 4.13 27.67
C ALA B 296 -10.58 4.91 28.43
N ASN B 297 -9.61 4.21 29.04
CA ASN B 297 -8.43 4.88 29.56
C ASN B 297 -7.20 4.01 29.31
N ASN B 298 -6.02 4.62 29.44
CA ASN B 298 -4.81 3.94 29.00
C ASN B 298 -3.78 4.10 30.12
N PRO B 299 -2.58 3.53 30.03
CA PRO B 299 -1.62 3.68 31.14
C PRO B 299 -1.23 5.12 31.45
N GLU B 300 -1.33 6.03 30.49
CA GLU B 300 -1.05 7.44 30.74
C GLU B 300 -2.18 8.17 31.46
N GLN B 301 -3.24 7.46 31.84
CA GLN B 301 -4.41 8.04 32.49
C GLN B 301 -5.13 9.05 31.59
N GLU B 302 -4.95 8.95 30.29
CA GLU B 302 -5.82 9.64 29.35
C GLU B 302 -7.16 8.95 29.31
N GLU B 303 -8.21 9.69 28.97
CA GLU B 303 -9.54 9.11 29.05
C GLU B 303 -10.45 9.64 27.95
N ALA B 304 -11.21 8.73 27.32
CA ALA B 304 -12.24 9.06 26.34
C ALA B 304 -13.60 8.66 26.90
N GLU B 305 -14.61 9.46 26.60
CA GLU B 305 -15.98 9.14 26.98
C GLU B 305 -16.90 9.49 25.83
N GLU B 306 -17.77 8.56 25.45
CA GLU B 306 -18.78 8.76 24.43
C GLU B 306 -20.17 8.43 24.99
N ILE B 307 -21.16 9.25 24.69
CA ILE B 307 -22.53 8.96 25.07
C ILE B 307 -23.37 8.95 23.80
N LEU B 308 -24.19 7.92 23.65
CA LEU B 308 -25.05 7.77 22.48
C LEU B 308 -26.45 7.42 22.95
N ASP B 309 -27.43 7.99 22.27
CA ASP B 309 -28.81 7.55 22.45
C ASP B 309 -29.01 6.27 21.65
N VAL B 310 -29.58 5.28 22.28
CA VAL B 310 -29.84 3.98 21.70
C VAL B 310 -31.24 3.57 22.13
N THR B 311 -31.70 2.44 21.63
CA THR B 311 -32.93 1.85 22.14
C THR B 311 -32.54 0.69 23.05
N TYR B 312 -32.79 0.86 24.34
CA TYR B 312 -32.44 -0.14 25.35
C TYR B 312 -33.42 -0.05 26.49
N SER B 313 -34.00 -1.17 26.89
CA SER B 313 -34.93 -1.19 28.02
C SER B 313 -34.56 -2.17 29.12
N GLY B 314 -33.45 -2.90 29.00
CA GLY B 314 -33.00 -3.82 30.01
C GLY B 314 -32.50 -3.13 31.29
N ALA B 315 -31.99 -3.96 32.20
CA ALA B 315 -31.43 -3.43 33.43
C ALA B 315 -30.11 -2.72 33.17
N GLU B 316 -29.76 -1.80 34.07
CA GLU B 316 -28.46 -1.14 33.98
C GLU B 316 -27.35 -2.17 34.15
N MET B 317 -26.23 -1.93 33.47
CA MET B 317 -25.18 -2.94 33.42
C MET B 317 -23.92 -2.32 32.87
N GLU B 318 -22.77 -2.76 33.39
CA GLU B 318 -21.46 -2.41 32.86
C GLU B 318 -20.78 -3.69 32.39
N ILE B 319 -20.08 -3.61 31.26
CA ILE B 319 -19.41 -4.76 30.67
C ILE B 319 -18.22 -4.24 29.89
N GLY B 320 -17.13 -5.01 29.88
CA GLY B 320 -15.90 -4.62 29.23
C GLY B 320 -15.67 -5.44 27.98
N PHE B 321 -15.03 -4.83 26.98
CA PHE B 321 -14.74 -5.50 25.74
C PHE B 321 -13.40 -5.05 25.17
N ASN B 322 -12.77 -5.95 24.43
CA ASN B 322 -11.70 -5.59 23.53
C ASN B 322 -12.34 -4.84 22.37
N VAL B 323 -12.00 -3.55 22.24
CA VAL B 323 -12.68 -2.69 21.29
C VAL B 323 -12.37 -3.06 19.86
N SER B 324 -11.21 -3.67 19.59
CA SER B 324 -10.90 -4.11 18.23
C SER B 324 -11.83 -5.23 17.77
N TYR B 325 -12.18 -6.14 18.68
CA TYR B 325 -13.15 -7.17 18.35
C TYR B 325 -14.50 -6.55 18.00
N VAL B 326 -14.91 -5.52 18.74
CA VAL B 326 -16.20 -4.89 18.49
C VAL B 326 -16.18 -4.15 17.16
N LEU B 327 -15.10 -3.43 16.88
CA LEU B 327 -14.98 -2.68 15.63
C LEU B 327 -14.90 -3.62 14.43
N ASP B 328 -14.23 -4.77 14.59
CA ASP B 328 -14.21 -5.77 13.52
C ASP B 328 -15.63 -6.15 13.12
N VAL B 329 -16.49 -6.39 14.11
CA VAL B 329 -17.86 -6.80 13.85
C VAL B 329 -18.61 -5.68 13.14
N LEU B 330 -18.51 -4.46 13.66
CA LEU B 330 -19.27 -3.35 13.08
C LEU B 330 -18.76 -3.03 11.68
N ASN B 331 -17.47 -3.22 11.41
CA ASN B 331 -16.97 -3.05 10.05
C ASN B 331 -17.45 -4.15 9.12
N ALA B 332 -17.62 -5.37 9.63
CA ALA B 332 -18.07 -6.49 8.81
C ALA B 332 -19.55 -6.37 8.46
N LEU B 333 -20.36 -5.88 9.40
CA LEU B 333 -21.76 -5.66 9.12
C LEU B 333 -21.87 -4.43 8.21
N LYS B 334 -22.57 -4.58 7.11
CA LYS B 334 -22.76 -3.48 6.18
C LYS B 334 -24.24 -3.13 6.21
N CYS B 335 -24.68 -2.61 7.36
CA CYS B 335 -26.10 -2.40 7.56
C CYS B 335 -26.31 -1.10 8.31
N GLU B 336 -27.57 -0.69 8.37
CA GLU B 336 -27.92 0.61 8.92
C GLU B 336 -28.00 0.56 10.44
N ASN B 337 -28.63 -0.48 10.98
CA ASN B 337 -28.86 -0.60 12.41
C ASN B 337 -28.36 -1.94 12.91
N VAL B 338 -27.88 -1.93 14.15
CA VAL B 338 -27.26 -3.09 14.77
C VAL B 338 -28.03 -3.42 16.04
N ARG B 339 -28.13 -4.70 16.33
CA ARG B 339 -28.74 -5.20 17.56
C ARG B 339 -27.64 -5.85 18.36
N MET B 340 -27.52 -5.48 19.63
CA MET B 340 -26.61 -6.12 20.57
C MET B 340 -27.44 -6.82 21.64
N MET B 341 -27.15 -8.10 21.87
CA MET B 341 -27.91 -8.94 22.79
C MET B 341 -26.99 -9.38 23.92
N LEU B 342 -27.37 -9.06 25.16
CA LEU B 342 -26.51 -9.27 26.31
C LEU B 342 -27.27 -10.00 27.40
N THR B 343 -26.52 -10.59 28.34
CA THR B 343 -27.12 -11.20 29.53
C THR B 343 -26.50 -10.62 30.79
N ASP B 344 -25.21 -10.83 31.00
CA ASP B 344 -24.55 -10.26 32.17
C ASP B 344 -23.10 -9.93 31.81
N SER B 345 -22.37 -9.43 32.81
N SER B 345 -22.36 -9.43 32.80
CA SER B 345 -21.03 -8.90 32.57
CA SER B 345 -21.03 -8.90 32.57
C SER B 345 -19.98 -9.98 32.37
C SER B 345 -19.97 -9.98 32.36
N VAL B 346 -20.31 -11.26 32.56
CA VAL B 346 -19.33 -12.34 32.41
C VAL B 346 -19.70 -13.28 31.26
N SER B 347 -20.70 -12.92 30.47
CA SER B 347 -21.23 -13.74 29.40
C SER B 347 -21.05 -13.04 28.05
N PRO B 348 -20.97 -13.77 26.96
CA PRO B 348 -20.74 -13.15 25.66
C PRO B 348 -21.89 -12.26 25.22
N VAL B 349 -21.57 -11.31 24.35
CA VAL B 349 -22.56 -10.51 23.66
C VAL B 349 -22.70 -11.09 22.26
N GLN B 350 -23.92 -11.06 21.75
CA GLN B 350 -24.22 -11.44 20.37
C GLN B 350 -24.64 -10.20 19.62
N ILE B 351 -24.03 -9.97 18.47
CA ILE B 351 -24.26 -8.77 17.66
C ILE B 351 -24.75 -9.22 16.29
N GLU B 352 -25.78 -8.54 15.80
CA GLU B 352 -26.41 -8.86 14.53
C GLU B 352 -26.84 -7.56 13.87
N ASP B 353 -27.05 -7.65 12.56
CA ASP B 353 -27.87 -6.66 11.87
C ASP B 353 -29.24 -6.63 12.54
N ALA B 354 -29.75 -5.44 12.82
CA ALA B 354 -31.05 -5.37 13.48
C ALA B 354 -32.17 -5.93 12.60
N ALA B 355 -31.98 -5.96 11.28
CA ALA B 355 -33.03 -6.40 10.36
C ALA B 355 -32.80 -7.78 9.76
N SER B 356 -31.75 -8.49 10.15
CA SER B 356 -31.40 -9.75 9.51
C SER B 356 -30.68 -10.66 10.49
N GLN B 357 -30.98 -11.95 10.43
CA GLN B 357 -30.29 -12.90 11.29
C GLN B 357 -29.31 -13.76 10.52
N SER B 358 -29.00 -13.40 9.26
CA SER B 358 -28.12 -14.24 8.47
C SER B 358 -26.69 -14.28 9.04
N ALA B 359 -26.23 -13.22 9.71
CA ALA B 359 -24.93 -13.24 10.33
C ALA B 359 -25.05 -12.95 11.81
N ALA B 360 -24.22 -13.62 12.60
CA ALA B 360 -24.21 -13.40 14.04
C ALA B 360 -22.77 -13.41 14.51
N TYR B 361 -22.47 -12.51 15.45
CA TYR B 361 -21.13 -12.36 15.99
C TYR B 361 -21.21 -12.48 17.49
N VAL B 362 -20.35 -13.31 18.08
CA VAL B 362 -20.34 -13.55 19.50
C VAL B 362 -18.97 -13.12 20.00
N VAL B 363 -18.95 -12.17 20.93
CA VAL B 363 -17.73 -11.63 21.49
C VAL B 363 -17.74 -11.87 22.99
N MET B 364 -16.69 -12.43 23.49
CA MET B 364 -16.62 -12.66 24.91
C MET B 364 -16.08 -11.41 25.61
N PRO B 365 -16.64 -11.02 26.75
CA PRO B 365 -16.19 -9.80 27.42
C PRO B 365 -14.82 -9.96 28.04
N MET B 366 -14.29 -8.83 28.53
CA MET B 366 -13.07 -8.77 29.31
C MET B 366 -13.37 -8.39 30.75
N ARG B 367 -12.59 -8.94 31.67
CA ARG B 367 -12.68 -8.52 33.07
C ARG B 367 -12.14 -7.10 33.15
N LEU B 368 -13.02 -6.13 33.40
CA LEU B 368 -12.60 -4.74 33.32
C LEU B 368 -13.74 -3.85 33.81
N GLN C 2 28.78 -1.56 -11.88
CA GLN C 2 28.46 -0.14 -11.89
C GLN C 2 29.70 0.74 -11.76
N ASP C 4 31.57 4.63 -11.41
CA ASP C 4 31.27 5.87 -10.69
C ASP C 4 31.22 7.09 -11.59
N LEU C 5 30.23 7.95 -11.35
CA LEU C 5 30.21 9.27 -11.96
C LEU C 5 31.37 10.13 -11.46
N PHE C 6 31.65 10.04 -10.16
CA PHE C 6 32.71 10.85 -9.56
C PHE C 6 33.21 10.19 -8.30
N GLN D 2 -9.24 -10.71 29.11
CA GLN D 2 -10.08 -11.41 28.14
C GLN D 2 -10.58 -12.78 28.68
N ASP D 4 -12.58 -16.55 27.90
CA ASP D 4 -12.65 -17.53 26.81
C ASP D 4 -14.08 -17.88 26.40
N LEU D 5 -14.33 -17.95 25.10
CA LEU D 5 -15.58 -18.52 24.61
C LEU D 5 -15.66 -20.00 24.90
N PHE D 6 -14.53 -20.70 24.77
CA PHE D 6 -14.49 -22.14 24.98
C PHE D 6 -13.06 -22.55 25.33
#